data_1DYS
#
_entry.id   1DYS
#
_cell.length_a   109.917
_cell.length_b   104.451
_cell.length_c   53.788
_cell.angle_alpha   90.00
_cell.angle_beta   90.00
_cell.angle_gamma   90.00
#
_symmetry.space_group_name_H-M   'P 21 21 2'
#
loop_
_entity.id
_entity.type
_entity.pdbx_description
1 polymer ENDOGLUCANASE
2 water water
#
_entity_poly.entity_id   1
_entity_poly.type   'polypeptide(L)'
_entity_poly.pdbx_seq_one_letter_code
;QSGNPFSGRTLLVNSDYSSKLDQTRQAFLSRGDQTNAAKVKYVQEKVGTFYWISNIFLLRDIDVAIQNARAAKARGENPI
VGLVLYNLPDRDCSAGESSGELKLSQNGLNRYKNEYVNPFAQKLKAASDVQFAVILEPDAIGNMVTGTSAFCRNARGPQQ
EAIGYAISQLQASHIHLYLDVANGGWLGWADKLEPTAQEVATILQKAGNNAKIRGFSSNVSNYNPYSTSNPPPYTSGSPS
PDESRYATNIANAMRQRGLPTQFIIDQSRVALSGARSEWGQWCNVNPAGFGQPFTTNTNNPNVDAIVWVKPGGESDGQCG
MGGAPAAGMWFDAYAQMLTQNAHDEIAR
;
_entity_poly.pdbx_strand_id   A,B
#
# COMPACT_ATOMS: atom_id res chain seq x y z
N GLY A 3 -9.79 -35.23 -11.08
CA GLY A 3 -10.90 -34.45 -11.61
C GLY A 3 -10.57 -32.95 -11.56
N ASN A 4 -11.19 -32.22 -12.47
CA ASN A 4 -11.01 -30.75 -12.51
C ASN A 4 -11.94 -30.26 -11.41
N PRO A 5 -11.40 -29.51 -10.47
CA PRO A 5 -12.18 -29.03 -9.34
C PRO A 5 -13.27 -28.04 -9.69
N PHE A 6 -13.24 -27.44 -10.88
CA PHE A 6 -14.22 -26.43 -11.27
C PHE A 6 -15.41 -27.09 -12.00
N SER A 7 -15.22 -28.33 -12.42
CA SER A 7 -16.28 -29.09 -13.10
C SER A 7 -17.60 -29.06 -12.36
N GLY A 8 -18.63 -28.54 -13.02
CA GLY A 8 -19.96 -28.41 -12.52
C GLY A 8 -20.14 -27.38 -11.42
N ARG A 9 -19.12 -26.55 -11.18
CA ARG A 9 -19.20 -25.52 -10.15
C ARG A 9 -19.25 -24.13 -10.76
N THR A 10 -19.59 -23.13 -9.97
CA THR A 10 -19.58 -21.73 -10.41
C THR A 10 -18.53 -20.97 -9.58
N LEU A 11 -17.63 -20.25 -10.22
CA LEU A 11 -16.68 -19.42 -9.43
C LEU A 11 -17.47 -18.36 -8.68
N LEU A 12 -17.22 -18.26 -7.36
CA LEU A 12 -18.01 -17.39 -6.51
C LEU A 12 -17.83 -15.90 -6.78
N VAL A 13 -18.94 -15.17 -6.75
CA VAL A 13 -18.81 -13.71 -6.92
C VAL A 13 -18.00 -13.14 -5.75
N ASN A 14 -17.18 -12.13 -6.02
CA ASN A 14 -16.43 -11.41 -4.99
C ASN A 14 -17.34 -10.26 -4.58
N SER A 15 -17.88 -10.26 -3.35
CA SER A 15 -18.81 -9.25 -2.91
C SER A 15 -18.18 -7.86 -2.77
N ASP A 16 -16.90 -7.80 -2.41
CA ASP A 16 -16.31 -6.46 -2.29
C ASP A 16 -16.21 -5.80 -3.67
N TYR A 17 -15.70 -6.59 -4.63
CA TYR A 17 -15.61 -6.10 -5.99
C TYR A 17 -16.97 -5.73 -6.55
N SER A 18 -17.98 -6.58 -6.40
CA SER A 18 -19.33 -6.27 -6.83
C SER A 18 -19.87 -4.97 -6.23
N SER A 19 -19.54 -4.69 -4.97
CA SER A 19 -19.95 -3.42 -4.35
C SER A 19 -19.31 -2.22 -5.03
N LYS A 20 -18.00 -2.35 -5.31
CA LYS A 20 -17.28 -1.26 -5.94
C LYS A 20 -17.80 -0.97 -7.35
N LEU A 21 -18.24 -1.98 -8.06
CA LEU A 21 -18.80 -1.84 -9.40
C LEU A 21 -20.11 -1.07 -9.41
N ASP A 22 -20.78 -1.02 -8.26
CA ASP A 22 -22.01 -0.20 -8.23
C ASP A 22 -21.71 1.22 -8.68
N GLN A 23 -20.54 1.78 -8.33
CA GLN A 23 -20.18 3.11 -8.80
C GLN A 23 -20.19 3.15 -10.32
N THR A 24 -19.68 2.07 -10.96
CA THR A 24 -19.62 2.03 -12.42
C THR A 24 -21.01 1.98 -13.02
N ARG A 25 -21.85 1.11 -12.47
CA ARG A 25 -23.23 0.99 -12.87
C ARG A 25 -23.93 2.33 -12.68
N GLN A 26 -23.75 2.99 -11.53
CA GLN A 26 -24.33 4.33 -11.40
C GLN A 26 -23.82 5.31 -12.45
N ALA A 27 -22.52 5.33 -12.80
CA ALA A 27 -21.97 6.25 -13.77
C ALA A 27 -22.59 6.08 -15.14
N PHE A 28 -22.73 4.84 -15.61
CA PHE A 28 -23.36 4.56 -16.89
C PHE A 28 -24.83 5.01 -16.85
N LEU A 29 -25.56 4.64 -15.79
CA LEU A 29 -26.95 5.07 -15.69
C LEU A 29 -27.08 6.59 -15.83
N SER A 30 -26.24 7.36 -15.16
CA SER A 30 -26.23 8.81 -15.17
C SER A 30 -25.98 9.51 -16.49
N ARG A 31 -25.62 8.78 -17.53
CA ARG A 31 -25.43 9.28 -18.88
C ARG A 31 -26.49 8.64 -19.79
N GLY A 32 -27.46 7.98 -19.18
CA GLY A 32 -28.53 7.32 -19.92
C GLY A 32 -28.12 6.03 -20.63
N ASP A 33 -26.92 5.55 -20.29
CA ASP A 33 -26.41 4.34 -20.93
C ASP A 33 -26.85 3.10 -20.15
N GLN A 34 -28.02 2.60 -20.56
CA GLN A 34 -28.61 1.42 -19.93
C GLN A 34 -27.89 0.15 -20.34
N THR A 35 -27.44 0.13 -21.58
CA THR A 35 -26.77 -1.04 -22.15
C THR A 35 -25.52 -1.37 -21.35
N ASN A 36 -24.68 -0.38 -21.10
CA ASN A 36 -23.50 -0.68 -20.27
C ASN A 36 -23.82 -0.79 -18.80
N ALA A 37 -24.87 -0.15 -18.28
CA ALA A 37 -25.24 -0.31 -16.87
C ALA A 37 -25.63 -1.77 -16.61
N ALA A 38 -26.32 -2.35 -17.60
CA ALA A 38 -26.78 -3.73 -17.54
C ALA A 38 -25.59 -4.69 -17.59
N LYS A 39 -24.60 -4.32 -18.40
CA LYS A 39 -23.37 -5.14 -18.45
C LYS A 39 -22.67 -5.10 -17.09
N VAL A 40 -22.59 -3.94 -16.43
CA VAL A 40 -22.02 -3.90 -15.08
C VAL A 40 -22.80 -4.81 -14.14
N LYS A 41 -24.16 -4.72 -14.15
CA LYS A 41 -24.95 -5.60 -13.25
C LYS A 41 -24.72 -7.07 -13.54
N TYR A 42 -24.46 -7.45 -14.77
CA TYR A 42 -24.15 -8.81 -15.20
C TYR A 42 -22.87 -9.22 -14.45
N VAL A 43 -21.86 -8.37 -14.57
CA VAL A 43 -20.62 -8.71 -13.82
C VAL A 43 -20.90 -8.77 -12.33
N GLN A 44 -21.70 -7.85 -11.76
CA GLN A 44 -21.94 -7.83 -10.34
C GLN A 44 -22.57 -9.09 -9.74
N GLU A 45 -23.46 -9.70 -10.51
CA GLU A 45 -24.21 -10.85 -10.00
C GLU A 45 -23.77 -12.18 -10.57
N LYS A 46 -23.21 -12.20 -11.76
CA LYS A 46 -22.94 -13.48 -12.39
C LYS A 46 -21.51 -13.81 -12.70
N VAL A 47 -20.55 -12.92 -12.38
CA VAL A 47 -19.18 -13.26 -12.82
C VAL A 47 -18.28 -13.44 -11.60
N GLY A 48 -17.79 -14.67 -11.40
CA GLY A 48 -16.97 -14.86 -10.18
C GLY A 48 -15.61 -14.19 -10.32
N THR A 49 -15.08 -13.72 -9.18
CA THR A 49 -13.75 -13.12 -9.18
C THR A 49 -13.04 -13.62 -7.92
N PHE A 50 -11.73 -13.88 -7.99
CA PHE A 50 -11.07 -14.25 -6.73
C PHE A 50 -11.01 -13.10 -5.74
N TYR A 51 -10.88 -13.52 -4.47
CA TYR A 51 -10.63 -12.60 -3.34
C TYR A 51 -9.14 -12.55 -3.06
N TRP A 52 -8.55 -11.36 -3.01
CA TRP A 52 -7.15 -11.19 -2.75
C TRP A 52 -6.84 -11.01 -1.26
N ILE A 53 -6.04 -11.98 -0.79
CA ILE A 53 -5.69 -11.96 0.65
C ILE A 53 -4.27 -11.43 0.75
N SER A 54 -4.14 -10.16 0.43
CA SER A 54 -2.84 -9.53 0.15
C SER A 54 -2.05 -9.09 1.38
N ASN A 55 -2.58 -9.32 2.55
CA ASN A 55 -1.87 -9.00 3.80
C ASN A 55 -2.65 -9.61 4.96
N ILE A 56 -2.08 -9.54 6.16
CA ILE A 56 -2.60 -10.19 7.36
C ILE A 56 -3.95 -9.58 7.73
N PHE A 57 -4.10 -8.28 7.61
CA PHE A 57 -5.38 -7.63 7.84
C PHE A 57 -6.49 -8.30 6.98
N LEU A 58 -6.22 -8.54 5.72
CA LEU A 58 -7.16 -9.14 4.80
C LEU A 58 -7.42 -10.62 5.04
N LEU A 59 -6.78 -11.30 5.99
CA LEU A 59 -7.26 -12.67 6.30
C LEU A 59 -8.75 -12.68 6.61
N ARG A 60 -9.33 -11.59 7.11
CA ARG A 60 -10.75 -11.45 7.40
C ARG A 60 -11.59 -11.62 6.15
N ASP A 61 -11.04 -11.28 4.95
CA ASP A 61 -11.78 -11.51 3.72
C ASP A 61 -11.99 -13.00 3.44
N ILE A 62 -11.18 -13.91 4.05
CA ILE A 62 -11.48 -15.32 3.84
C ILE A 62 -12.80 -15.68 4.53
N ASP A 63 -13.02 -15.13 5.72
CA ASP A 63 -14.29 -15.36 6.42
C ASP A 63 -15.44 -14.81 5.59
N VAL A 64 -15.23 -13.62 5.00
CA VAL A 64 -16.23 -13.04 4.12
C VAL A 64 -16.55 -14.00 2.95
N ALA A 65 -15.51 -14.49 2.28
CA ALA A 65 -15.72 -15.39 1.14
C ALA A 65 -16.47 -16.66 1.55
N ILE A 66 -16.06 -17.23 2.69
CA ILE A 66 -16.71 -18.45 3.18
C ILE A 66 -18.18 -18.19 3.51
N GLN A 67 -18.51 -17.07 4.12
CA GLN A 67 -19.90 -16.71 4.42
C GLN A 67 -20.70 -16.69 3.14
N ASN A 68 -20.14 -15.98 2.13
CA ASN A 68 -20.77 -15.90 0.83
C ASN A 68 -20.91 -17.27 0.16
N ALA A 69 -19.91 -18.14 0.28
CA ALA A 69 -19.95 -19.47 -0.30
C ALA A 69 -21.11 -20.27 0.35
N ARG A 70 -21.21 -20.18 1.67
CA ARG A 70 -22.26 -20.91 2.38
C ARG A 70 -23.66 -20.36 2.07
N ALA A 71 -23.80 -19.07 1.80
CA ALA A 71 -25.08 -18.49 1.42
C ALA A 71 -25.48 -18.90 0.01
N ALA A 72 -24.49 -19.04 -0.87
CA ALA A 72 -24.73 -19.42 -2.25
C ALA A 72 -25.23 -20.86 -2.28
N LYS A 73 -24.57 -21.68 -1.47
CA LYS A 73 -24.89 -23.12 -1.43
C LYS A 73 -26.26 -23.32 -0.78
N ALA A 74 -26.67 -22.38 0.08
CA ALA A 74 -28.01 -22.42 0.67
C ALA A 74 -29.09 -22.05 -0.34
N ARG A 75 -28.84 -21.35 -1.44
CA ARG A 75 -29.91 -21.11 -2.40
C ARG A 75 -29.81 -22.08 -3.57
N GLY A 76 -29.09 -23.18 -3.36
CA GLY A 76 -28.96 -24.23 -4.32
C GLY A 76 -27.78 -24.21 -5.26
N GLU A 77 -26.90 -23.23 -5.09
CA GLU A 77 -25.73 -23.14 -5.98
C GLU A 77 -24.64 -24.10 -5.53
N ASN A 78 -23.63 -24.24 -6.38
CA ASN A 78 -22.47 -25.08 -6.18
C ASN A 78 -21.18 -24.31 -6.51
N PRO A 79 -20.78 -23.54 -5.53
CA PRO A 79 -19.69 -22.60 -5.68
C PRO A 79 -18.32 -23.21 -5.51
N ILE A 80 -17.36 -22.48 -6.08
CA ILE A 80 -15.96 -22.75 -5.73
C ILE A 80 -15.40 -21.36 -5.44
N VAL A 81 -14.78 -21.22 -4.28
CA VAL A 81 -14.23 -19.90 -3.91
C VAL A 81 -12.79 -19.70 -4.39
N GLY A 82 -12.50 -18.61 -5.09
CA GLY A 82 -11.10 -18.38 -5.51
C GLY A 82 -10.48 -17.43 -4.47
N LEU A 83 -9.30 -17.83 -3.98
CA LEU A 83 -8.54 -16.99 -3.04
C LEU A 83 -7.13 -16.79 -3.58
N VAL A 84 -6.57 -15.60 -3.39
CA VAL A 84 -5.18 -15.36 -3.86
C VAL A 84 -4.33 -15.26 -2.57
N LEU A 85 -3.40 -16.19 -2.42
CA LEU A 85 -2.52 -16.19 -1.23
C LEU A 85 -1.30 -15.41 -1.70
N TYR A 86 -1.17 -14.19 -1.16
CA TYR A 86 -0.18 -13.27 -1.70
C TYR A 86 0.43 -12.38 -0.62
N ASN A 87 1.38 -12.94 0.13
CA ASN A 87 2.05 -12.11 1.15
C ASN A 87 3.48 -12.55 1.36
N LEU A 88 4.14 -13.01 0.30
CA LEU A 88 5.53 -13.49 0.45
C LEU A 88 6.46 -12.44 1.00
N PRO A 89 7.37 -12.87 1.86
CA PRO A 89 8.39 -11.95 2.35
C PRO A 89 9.23 -11.51 1.16
N ASP A 90 9.54 -10.23 1.07
CA ASP A 90 10.27 -9.62 -0.02
C ASP A 90 9.57 -9.82 -1.37
N ARG A 91 8.25 -9.75 -1.28
CA ARG A 91 7.32 -9.89 -2.39
C ARG A 91 7.70 -9.06 -3.60
N ASP A 92 7.58 -9.66 -4.81
CA ASP A 92 7.96 -8.96 -6.03
C ASP A 92 9.38 -8.41 -5.95
N CYS A 93 10.32 -9.35 -5.73
CA CYS A 93 11.68 -8.90 -5.38
C CYS A 93 12.35 -8.07 -6.45
N SER A 94 12.00 -8.24 -7.74
CA SER A 94 12.65 -7.53 -8.82
C SER A 94 12.53 -6.02 -8.72
N ALA A 95 11.60 -5.48 -7.93
CA ALA A 95 11.50 -4.04 -7.75
C ALA A 95 12.44 -3.57 -6.64
N GLY A 96 13.06 -4.49 -5.91
CA GLY A 96 14.11 -4.08 -4.97
C GLY A 96 13.77 -3.97 -3.52
N GLU A 97 12.49 -4.20 -3.19
CA GLU A 97 12.02 -4.14 -1.80
C GLU A 97 10.69 -4.88 -1.75
N SER A 98 10.33 -5.57 -0.68
CA SER A 98 8.98 -6.19 -0.68
C SER A 98 7.90 -5.18 -1.09
N SER A 99 6.96 -5.67 -1.91
CA SER A 99 5.79 -4.87 -2.24
C SER A 99 4.70 -5.09 -1.17
N GLY A 100 4.94 -5.99 -0.21
CA GLY A 100 3.99 -6.27 0.87
C GLY A 100 4.61 -5.90 2.22
N GLU A 101 3.90 -6.30 3.28
CA GLU A 101 4.28 -5.96 4.63
C GLU A 101 5.39 -6.80 5.22
N LEU A 102 5.76 -7.92 4.60
CA LEU A 102 6.78 -8.82 5.15
C LEU A 102 8.10 -8.68 4.40
N LYS A 103 9.14 -8.58 5.19
CA LYS A 103 10.51 -8.44 4.69
C LYS A 103 11.38 -9.52 5.33
N LEU A 104 12.26 -10.14 4.54
CA LEU A 104 13.07 -11.21 5.10
C LEU A 104 13.95 -10.71 6.23
N SER A 105 14.45 -9.48 6.11
CA SER A 105 15.30 -8.89 7.14
C SER A 105 14.54 -8.42 8.37
N GLN A 106 13.23 -8.57 8.44
CA GLN A 106 12.39 -8.24 9.56
C GLN A 106 11.63 -9.49 9.98
N ASN A 107 12.37 -10.60 10.12
CA ASN A 107 11.86 -11.90 10.53
C ASN A 107 10.70 -12.33 9.63
N GLY A 108 10.75 -11.97 8.36
CA GLY A 108 9.59 -12.18 7.47
C GLY A 108 9.20 -13.60 7.21
N LEU A 109 10.17 -14.50 7.09
CA LEU A 109 9.85 -15.90 6.89
C LEU A 109 9.05 -16.47 8.05
N ASN A 110 9.47 -16.22 9.30
CA ASN A 110 8.69 -16.72 10.43
C ASN A 110 7.29 -16.12 10.49
N ARG A 111 7.15 -14.82 10.25
CA ARG A 111 5.86 -14.10 10.30
C ARG A 111 4.92 -14.63 9.19
N TYR A 112 5.51 -14.89 8.02
CA TYR A 112 4.74 -15.49 6.92
C TYR A 112 4.20 -16.86 7.32
N LYS A 113 5.06 -17.71 7.91
CA LYS A 113 4.47 -18.99 8.35
C LYS A 113 3.41 -18.85 9.44
N ASN A 114 3.77 -18.18 10.55
CA ASN A 114 2.94 -18.20 11.74
C ASN A 114 1.81 -17.20 11.76
N GLU A 115 1.96 -16.05 11.16
CA GLU A 115 0.92 -15.03 11.20
C GLU A 115 0.08 -14.97 9.91
N TYR A 116 0.57 -15.63 8.85
CA TYR A 116 -0.20 -15.54 7.59
C TYR A 116 -0.59 -16.93 7.07
N VAL A 117 0.36 -17.82 6.78
CA VAL A 117 -0.05 -19.13 6.30
C VAL A 117 -0.85 -19.92 7.34
N ASN A 118 -0.39 -19.97 8.61
CA ASN A 118 -1.17 -20.80 9.56
C ASN A 118 -2.61 -20.42 9.67
N PRO A 119 -2.94 -19.18 9.86
CA PRO A 119 -4.31 -18.70 10.00
C PRO A 119 -5.08 -18.94 8.71
N PHE A 120 -4.42 -18.79 7.58
CA PHE A 120 -5.04 -19.06 6.29
C PHE A 120 -5.48 -20.52 6.25
N ALA A 121 -4.55 -21.39 6.63
CA ALA A 121 -4.86 -22.83 6.58
C ALA A 121 -5.93 -23.22 7.57
N GLN A 122 -5.93 -22.61 8.74
CA GLN A 122 -6.92 -22.92 9.77
C GLN A 122 -8.32 -22.64 9.24
N LYS A 123 -8.50 -21.45 8.65
CA LYS A 123 -9.81 -21.08 8.13
C LYS A 123 -10.29 -21.99 7.01
N LEU A 124 -9.39 -22.39 6.11
CA LEU A 124 -9.84 -23.27 5.02
C LEU A 124 -10.08 -24.70 5.52
N LYS A 125 -9.24 -25.21 6.41
CA LYS A 125 -9.44 -26.60 6.88
C LYS A 125 -10.69 -26.67 7.74
N ALA A 126 -11.08 -25.59 8.40
CA ALA A 126 -12.33 -25.63 9.19
C ALA A 126 -13.53 -25.65 8.28
N ALA A 127 -13.42 -25.01 7.11
CA ALA A 127 -14.56 -24.96 6.19
C ALA A 127 -14.50 -26.09 5.19
N SER A 128 -14.58 -27.33 5.68
CA SER A 128 -14.49 -28.56 4.90
C SER A 128 -15.64 -28.79 3.92
N ASP A 129 -16.71 -28.06 4.08
CA ASP A 129 -17.91 -28.02 3.30
C ASP A 129 -17.77 -27.10 2.08
N VAL A 130 -16.70 -26.30 2.07
CA VAL A 130 -16.51 -25.38 0.94
C VAL A 130 -15.36 -25.80 0.05
N GLN A 131 -15.57 -25.64 -1.29
CA GLN A 131 -14.44 -25.95 -2.16
C GLN A 131 -13.60 -24.70 -2.43
N PHE A 132 -12.27 -24.81 -2.41
CA PHE A 132 -11.44 -23.65 -2.64
C PHE A 132 -10.44 -23.87 -3.75
N ALA A 133 -10.26 -22.82 -4.56
CA ALA A 133 -9.16 -22.77 -5.52
C ALA A 133 -8.21 -21.65 -5.03
N VAL A 134 -7.02 -22.05 -4.66
CA VAL A 134 -6.10 -21.05 -4.10
C VAL A 134 -4.96 -20.86 -5.06
N ILE A 135 -4.75 -19.61 -5.50
CA ILE A 135 -3.66 -19.21 -6.31
C ILE A 135 -2.52 -18.83 -5.35
N LEU A 136 -1.40 -19.49 -5.60
CA LEU A 136 -0.29 -19.24 -4.72
C LEU A 136 0.74 -18.28 -5.31
N GLU A 137 0.88 -17.17 -4.61
CA GLU A 137 1.87 -16.14 -4.78
C GLU A 137 2.21 -15.71 -6.19
N PRO A 138 1.34 -14.92 -6.77
CA PRO A 138 1.47 -14.34 -8.09
C PRO A 138 2.87 -13.75 -8.29
N ASP A 139 3.46 -14.07 -9.43
CA ASP A 139 4.74 -13.68 -9.96
C ASP A 139 5.94 -14.17 -9.16
N ALA A 140 5.78 -14.94 -8.07
CA ALA A 140 6.96 -15.31 -7.28
C ALA A 140 7.90 -16.14 -8.15
N ILE A 141 7.37 -17.16 -8.79
CA ILE A 141 8.28 -17.98 -9.66
C ILE A 141 8.91 -17.19 -10.77
N GLY A 142 8.22 -16.22 -11.36
CA GLY A 142 8.80 -15.35 -12.38
C GLY A 142 10.04 -14.66 -11.80
N ASN A 143 9.89 -14.04 -10.64
CA ASN A 143 10.99 -13.33 -9.97
C ASN A 143 12.12 -14.27 -9.60
N MET A 144 11.83 -15.53 -9.29
CA MET A 144 12.85 -16.53 -9.00
C MET A 144 13.63 -16.97 -10.24
N VAL A 145 12.99 -17.18 -11.37
CA VAL A 145 13.65 -17.57 -12.61
C VAL A 145 14.49 -16.49 -13.28
N THR A 146 13.97 -15.28 -13.37
CA THR A 146 14.66 -14.22 -14.10
C THR A 146 15.25 -13.17 -13.17
N GLY A 147 15.06 -13.30 -11.87
CA GLY A 147 15.51 -12.32 -10.90
C GLY A 147 17.00 -12.44 -10.59
N THR A 148 17.84 -11.67 -11.25
CA THR A 148 19.28 -11.76 -10.97
C THR A 148 19.88 -10.64 -10.15
N SER A 149 19.05 -9.69 -9.70
CA SER A 149 19.55 -8.60 -8.86
C SER A 149 19.99 -9.18 -7.53
N ALA A 150 20.86 -8.48 -6.83
CA ALA A 150 21.33 -8.89 -5.53
C ALA A 150 20.19 -9.13 -4.56
N PHE A 151 19.22 -8.21 -4.55
CA PHE A 151 18.07 -8.35 -3.68
C PHE A 151 17.29 -9.63 -3.91
N CYS A 152 16.93 -9.96 -5.14
CA CYS A 152 16.22 -11.22 -5.41
C CYS A 152 17.03 -12.48 -5.09
N ARG A 153 18.31 -12.41 -5.45
CA ARG A 153 19.20 -13.56 -5.23
C ARG A 153 19.33 -13.87 -3.76
N ASN A 154 19.31 -12.82 -2.93
CA ASN A 154 19.32 -12.93 -1.49
C ASN A 154 18.04 -13.49 -0.91
N ALA A 155 16.94 -13.35 -1.61
CA ALA A 155 15.62 -13.78 -1.16
C ALA A 155 15.20 -15.16 -1.65
N ARG A 156 15.91 -15.65 -2.66
CA ARG A 156 15.58 -16.89 -3.37
C ARG A 156 15.34 -18.06 -2.43
N GLY A 157 16.34 -18.43 -1.64
CA GLY A 157 16.31 -19.53 -0.69
C GLY A 157 15.10 -19.56 0.21
N PRO A 158 14.95 -18.52 1.03
CA PRO A 158 13.85 -18.36 1.95
C PRO A 158 12.51 -18.29 1.21
N GLN A 159 12.49 -17.70 0.02
CA GLN A 159 11.18 -17.62 -0.67
C GLN A 159 10.73 -19.00 -1.11
N GLN A 160 11.66 -19.86 -1.53
CA GLN A 160 11.30 -21.22 -1.92
C GLN A 160 10.78 -21.98 -0.72
N GLU A 161 11.44 -21.78 0.45
CA GLU A 161 10.98 -22.39 1.68
C GLU A 161 9.60 -21.86 2.08
N ALA A 162 9.37 -20.55 1.88
CA ALA A 162 8.06 -20.00 2.20
C ALA A 162 6.93 -20.62 1.38
N ILE A 163 7.16 -20.73 0.08
CA ILE A 163 6.10 -21.26 -0.79
C ILE A 163 5.87 -22.75 -0.52
N GLY A 164 7.00 -23.46 -0.32
CA GLY A 164 6.88 -24.90 0.02
C GLY A 164 6.07 -25.04 1.31
N TYR A 165 6.31 -24.13 2.26
CA TYR A 165 5.59 -24.18 3.52
C TYR A 165 4.09 -23.96 3.31
N ALA A 166 3.77 -23.00 2.44
CA ALA A 166 2.36 -22.76 2.15
C ALA A 166 1.69 -23.97 1.49
N ILE A 167 2.38 -24.63 0.56
CA ILE A 167 1.81 -25.83 -0.05
C ILE A 167 1.65 -26.89 1.04
N SER A 168 2.71 -27.06 1.85
CA SER A 168 2.63 -28.10 2.90
C SER A 168 1.46 -27.91 3.82
N GLN A 169 1.08 -26.68 4.14
CA GLN A 169 -0.02 -26.45 5.06
C GLN A 169 -1.42 -26.49 4.48
N LEU A 170 -1.56 -26.59 3.17
CA LEU A 170 -2.84 -26.51 2.50
C LEU A 170 -3.20 -27.76 1.72
N GLN A 171 -2.85 -28.92 2.29
CA GLN A 171 -3.21 -30.19 1.64
C GLN A 171 -4.55 -30.67 2.20
N ALA A 172 -5.59 -30.73 1.40
CA ALA A 172 -6.91 -31.21 1.84
C ALA A 172 -7.73 -31.54 0.61
N SER A 173 -8.71 -32.43 0.67
CA SER A 173 -9.46 -32.76 -0.55
C SER A 173 -10.33 -31.62 -1.06
N HIS A 174 -10.63 -30.59 -0.28
CA HIS A 174 -11.47 -29.50 -0.70
C HIS A 174 -10.65 -28.24 -1.02
N ILE A 175 -9.34 -28.40 -0.95
CA ILE A 175 -8.43 -27.29 -1.28
C ILE A 175 -7.62 -27.64 -2.51
N HIS A 176 -7.74 -26.82 -3.58
CA HIS A 176 -7.10 -27.05 -4.86
C HIS A 176 -6.07 -25.96 -5.15
N LEU A 177 -4.81 -26.36 -5.13
CA LEU A 177 -3.73 -25.38 -5.23
C LEU A 177 -3.25 -25.17 -6.64
N TYR A 178 -3.13 -23.89 -7.03
CA TYR A 178 -2.62 -23.51 -8.33
C TYR A 178 -1.45 -22.58 -8.10
N LEU A 179 -0.24 -23.01 -8.38
CA LEU A 179 0.99 -22.24 -8.19
C LEU A 179 1.21 -21.30 -9.35
N ASP A 180 1.36 -20.00 -9.02
CA ASP A 180 1.39 -19.01 -10.11
C ASP A 180 2.64 -19.11 -10.94
N VAL A 181 2.51 -19.09 -12.27
CA VAL A 181 3.65 -19.06 -13.16
C VAL A 181 3.58 -17.86 -14.11
N ALA A 182 3.29 -16.67 -13.57
CA ALA A 182 3.38 -15.39 -14.28
C ALA A 182 2.54 -15.37 -15.54
N ASN A 183 3.13 -15.09 -16.72
CA ASN A 183 2.31 -15.07 -17.95
C ASN A 183 3.25 -15.51 -19.07
N GLY A 184 2.66 -15.77 -20.24
CA GLY A 184 3.49 -16.28 -21.34
C GLY A 184 4.60 -15.34 -21.81
N GLY A 185 4.45 -14.04 -21.64
CA GLY A 185 5.44 -13.05 -22.01
C GLY A 185 6.69 -13.08 -21.16
N TRP A 186 6.54 -13.55 -19.93
CA TRP A 186 7.65 -13.61 -19.00
C TRP A 186 8.37 -14.94 -19.12
N LEU A 187 7.64 -16.04 -18.95
CA LEU A 187 8.21 -17.37 -18.83
C LEU A 187 7.83 -18.34 -19.96
N GLY A 188 7.19 -17.81 -20.97
CA GLY A 188 6.73 -18.63 -22.10
C GLY A 188 7.75 -18.77 -23.21
N TRP A 189 8.79 -17.97 -23.21
CA TRP A 189 9.84 -18.11 -24.21
C TRP A 189 10.46 -19.49 -24.15
N ALA A 190 11.05 -19.87 -25.28
CA ALA A 190 11.76 -21.15 -25.35
C ALA A 190 12.76 -21.39 -24.25
N ASP A 191 13.70 -20.47 -24.02
CA ASP A 191 14.72 -20.59 -23.00
C ASP A 191 14.19 -20.39 -21.58
N LYS A 192 12.91 -20.15 -21.37
CA LYS A 192 12.35 -19.99 -20.06
C LYS A 192 11.44 -21.10 -19.57
N LEU A 193 10.91 -21.95 -20.45
CA LEU A 193 10.01 -23.02 -20.01
C LEU A 193 10.62 -24.04 -19.08
N GLU A 194 11.87 -24.44 -19.36
CA GLU A 194 12.50 -25.42 -18.47
C GLU A 194 12.94 -24.84 -17.14
N PRO A 195 13.54 -23.67 -17.12
CA PRO A 195 13.91 -22.99 -15.88
C PRO A 195 12.67 -22.81 -15.04
N THR A 196 11.50 -22.58 -15.66
CA THR A 196 10.26 -22.49 -14.89
C THR A 196 9.85 -23.82 -14.29
N ALA A 197 9.93 -24.92 -15.06
CA ALA A 197 9.62 -26.23 -14.52
C ALA A 197 10.56 -26.68 -13.41
N GLN A 198 11.84 -26.29 -13.52
CA GLN A 198 12.85 -26.62 -12.53
C GLN A 198 12.51 -25.96 -11.19
N GLU A 199 12.09 -24.69 -11.31
CA GLU A 199 11.69 -23.94 -10.11
C GLU A 199 10.53 -24.61 -9.40
N VAL A 200 9.50 -25.03 -10.13
CA VAL A 200 8.38 -25.75 -9.56
C VAL A 200 8.85 -27.07 -8.95
N ALA A 201 9.74 -27.79 -9.68
CA ALA A 201 10.19 -29.05 -9.08
C ALA A 201 10.89 -28.79 -7.75
N THR A 202 11.79 -27.83 -7.68
CA THR A 202 12.51 -27.51 -6.45
C THR A 202 11.55 -27.12 -5.33
N ILE A 203 10.57 -26.25 -5.61
CA ILE A 203 9.59 -25.87 -4.61
C ILE A 203 8.77 -27.04 -4.10
N LEU A 204 8.34 -27.94 -4.98
CA LEU A 204 7.55 -29.09 -4.56
C LEU A 204 8.36 -30.04 -3.70
N GLN A 205 9.66 -30.21 -4.01
CA GLN A 205 10.49 -31.05 -3.13
C GLN A 205 10.49 -30.48 -1.70
N LYS A 206 10.64 -29.17 -1.55
CA LYS A 206 10.61 -28.52 -0.25
C LYS A 206 9.29 -28.60 0.47
N ALA A 207 8.17 -28.68 -0.24
CA ALA A 207 6.85 -28.86 0.37
C ALA A 207 6.72 -30.30 0.88
N GLY A 208 7.52 -31.18 0.25
CA GLY A 208 7.59 -32.54 0.78
C GLY A 208 7.27 -33.58 -0.27
N ASN A 209 7.37 -34.84 0.13
CA ASN A 209 7.06 -35.94 -0.76
C ASN A 209 5.56 -36.09 -0.99
N ASN A 210 4.70 -36.07 0.01
CA ASN A 210 3.28 -36.29 -0.20
C ASN A 210 2.50 -35.05 -0.64
N ALA A 211 3.16 -33.90 -0.63
CA ALA A 211 2.58 -32.64 -1.02
C ALA A 211 2.16 -32.64 -2.50
N LYS A 212 1.00 -32.04 -2.76
CA LYS A 212 0.64 -31.92 -4.17
C LYS A 212 0.04 -30.53 -4.43
N ILE A 213 0.06 -30.21 -5.72
CA ILE A 213 -0.65 -29.06 -6.22
C ILE A 213 -1.50 -29.59 -7.40
N ARG A 214 -2.57 -28.87 -7.73
CA ARG A 214 -3.34 -29.32 -8.90
C ARG A 214 -2.66 -28.88 -10.17
N GLY A 215 -1.99 -27.72 -10.11
CA GLY A 215 -1.37 -27.13 -11.25
C GLY A 215 -1.05 -25.66 -11.01
N PHE A 216 -1.28 -24.86 -12.04
CA PHE A 216 -0.72 -23.51 -12.10
C PHE A 216 -1.70 -22.42 -12.45
N SER A 217 -1.34 -21.15 -12.22
CA SER A 217 -2.20 -20.07 -12.70
C SER A 217 -1.35 -19.18 -13.61
N SER A 218 -2.00 -18.47 -14.53
CA SER A 218 -1.23 -17.56 -15.41
C SER A 218 -2.12 -16.41 -15.84
N ASN A 219 -1.44 -15.36 -16.30
CA ASN A 219 -2.06 -14.13 -16.76
C ASN A 219 -2.72 -13.34 -15.64
N VAL A 220 -2.45 -13.68 -14.37
CA VAL A 220 -3.10 -12.96 -13.27
C VAL A 220 -2.59 -11.52 -13.30
N SER A 221 -3.54 -10.59 -13.36
CA SER A 221 -3.33 -9.17 -13.50
C SER A 221 -2.77 -8.77 -14.85
N ASN A 222 -2.67 -9.69 -15.79
CA ASN A 222 -2.11 -9.35 -17.09
C ASN A 222 -3.30 -9.27 -18.06
N TYR A 223 -2.93 -9.11 -19.33
CA TYR A 223 -3.89 -8.78 -20.38
C TYR A 223 -3.76 -9.67 -21.61
N ASN A 224 -2.98 -10.74 -21.52
CA ASN A 224 -2.80 -11.61 -22.69
C ASN A 224 -4.11 -12.33 -23.01
N PRO A 225 -4.35 -12.53 -24.31
CA PRO A 225 -5.54 -13.24 -24.74
C PRO A 225 -5.35 -14.72 -24.47
N TYR A 226 -6.46 -15.39 -24.17
CA TYR A 226 -6.47 -16.83 -23.97
C TYR A 226 -6.12 -17.51 -25.29
N SER A 227 -6.89 -17.24 -26.35
CA SER A 227 -6.64 -17.96 -27.60
C SER A 227 -6.87 -17.06 -28.82
N THR A 228 -5.83 -16.91 -29.62
CA THR A 228 -5.99 -16.09 -30.82
C THR A 228 -5.03 -16.54 -31.91
N SER A 229 -5.52 -16.39 -33.15
CA SER A 229 -4.74 -16.70 -34.33
C SER A 229 -4.00 -15.47 -34.83
N ASN A 230 -4.22 -14.33 -34.17
CA ASN A 230 -3.58 -13.08 -34.50
C ASN A 230 -2.91 -12.41 -33.30
N PRO A 231 -1.90 -13.01 -32.70
CA PRO A 231 -1.22 -12.42 -31.55
C PRO A 231 -0.39 -11.22 -31.98
N PRO A 232 -0.23 -10.31 -31.04
CA PRO A 232 0.56 -9.11 -31.23
C PRO A 232 1.93 -9.43 -31.75
N PRO A 233 2.50 -8.57 -32.58
CA PRO A 233 3.83 -8.67 -33.14
C PRO A 233 4.97 -8.90 -32.17
N TYR A 234 4.87 -8.36 -30.95
CA TYR A 234 5.89 -8.52 -29.94
C TYR A 234 6.01 -9.95 -29.42
N THR A 235 5.04 -10.80 -29.76
CA THR A 235 5.07 -12.22 -29.42
C THR A 235 5.82 -13.02 -30.51
N SER A 236 6.36 -12.35 -31.53
CA SER A 236 7.14 -13.04 -32.56
C SER A 236 8.37 -13.72 -31.97
N GLY A 237 8.55 -14.99 -32.32
CA GLY A 237 9.66 -15.78 -31.79
C GLY A 237 9.27 -16.52 -30.51
N SER A 238 8.08 -16.26 -29.97
CA SER A 238 7.72 -16.98 -28.75
C SER A 238 6.85 -18.15 -29.11
N PRO A 239 7.10 -19.30 -28.49
CA PRO A 239 6.28 -20.48 -28.64
C PRO A 239 4.98 -20.42 -27.84
N SER A 240 4.81 -19.38 -27.02
CA SER A 240 3.68 -19.14 -26.17
C SER A 240 3.02 -17.79 -26.38
N PRO A 241 2.53 -17.51 -27.56
CA PRO A 241 1.93 -16.25 -27.94
C PRO A 241 0.52 -15.97 -27.48
N ASP A 242 -0.10 -16.94 -26.83
CA ASP A 242 -1.37 -16.74 -26.14
C ASP A 242 -1.33 -17.66 -24.93
N GLU A 243 -2.23 -17.44 -23.98
CA GLU A 243 -2.18 -18.20 -22.73
C GLU A 243 -2.54 -19.65 -22.90
N SER A 244 -3.40 -19.95 -23.88
CA SER A 244 -3.73 -21.34 -24.17
C SER A 244 -2.45 -22.05 -24.61
N ARG A 245 -1.63 -21.45 -25.48
CA ARG A 245 -0.40 -22.14 -25.88
C ARG A 245 0.64 -22.12 -24.78
N TYR A 246 0.60 -21.07 -23.93
CA TYR A 246 1.56 -21.06 -22.80
C TYR A 246 1.27 -22.24 -21.88
N ALA A 247 -0.02 -22.47 -21.56
CA ALA A 247 -0.45 -23.56 -20.71
C ALA A 247 -0.02 -24.93 -21.24
N THR A 248 -0.22 -25.16 -22.54
CA THR A 248 0.23 -26.43 -23.15
C THR A 248 1.74 -26.61 -23.09
N ASN A 249 2.54 -25.55 -23.26
CA ASN A 249 3.99 -25.60 -23.29
C ASN A 249 4.52 -25.92 -21.90
N ILE A 250 3.95 -25.22 -20.90
CA ILE A 250 4.36 -25.52 -19.53
C ILE A 250 3.89 -26.94 -19.18
N ALA A 251 2.63 -27.28 -19.52
CA ALA A 251 2.12 -28.61 -19.18
C ALA A 251 2.96 -29.72 -19.81
N ASN A 252 3.47 -29.50 -21.00
CA ASN A 252 4.36 -30.48 -21.67
C ASN A 252 5.70 -30.63 -20.97
N ALA A 253 6.31 -29.53 -20.50
CA ALA A 253 7.55 -29.53 -19.77
C ALA A 253 7.35 -30.22 -18.42
N MET A 254 6.25 -29.95 -17.74
CA MET A 254 5.97 -30.59 -16.47
C MET A 254 5.76 -32.10 -16.56
N ARG A 255 5.01 -32.49 -17.59
CA ARG A 255 4.67 -33.88 -17.84
C ARG A 255 5.87 -34.79 -17.97
N GLN A 256 6.91 -34.32 -18.66
CA GLN A 256 8.17 -34.98 -18.90
C GLN A 256 9.01 -35.12 -17.64
N ARG A 257 8.69 -34.32 -16.62
CA ARG A 257 9.39 -34.39 -15.34
C ARG A 257 8.47 -35.06 -14.32
N GLY A 258 7.31 -35.46 -14.80
CA GLY A 258 6.25 -36.10 -14.04
C GLY A 258 5.57 -35.27 -12.96
N LEU A 259 5.41 -33.99 -13.22
CA LEU A 259 4.80 -33.03 -12.27
C LEU A 259 3.45 -32.62 -12.81
N PRO A 260 2.62 -31.97 -12.02
CA PRO A 260 1.30 -31.49 -12.38
C PRO A 260 1.32 -30.60 -13.62
N THR A 261 0.17 -30.59 -14.30
CA THR A 261 0.06 -29.89 -15.58
C THR A 261 -1.07 -28.87 -15.74
N GLN A 262 -2.05 -28.81 -14.88
CA GLN A 262 -3.31 -28.12 -15.10
C GLN A 262 -3.32 -26.62 -14.81
N PHE A 263 -3.91 -25.83 -15.71
CA PHE A 263 -3.90 -24.38 -15.51
C PHE A 263 -5.26 -23.77 -15.23
N ILE A 264 -5.26 -22.62 -14.59
CA ILE A 264 -6.42 -21.73 -14.51
C ILE A 264 -5.89 -20.41 -15.07
N ILE A 265 -6.60 -19.75 -15.98
CA ILE A 265 -6.03 -18.60 -16.69
C ILE A 265 -6.92 -17.39 -16.53
N ASP A 266 -6.34 -16.28 -16.04
CA ASP A 266 -7.12 -15.08 -15.77
C ASP A 266 -7.48 -14.44 -17.12
N GLN A 267 -8.74 -14.07 -17.28
CA GLN A 267 -9.15 -13.26 -18.43
C GLN A 267 -9.95 -12.08 -17.89
N SER A 268 -9.65 -11.63 -16.65
CA SER A 268 -10.34 -10.47 -16.08
C SER A 268 -10.18 -9.25 -16.96
N ARG A 269 -9.04 -9.07 -17.58
CA ARG A 269 -8.79 -7.94 -18.48
C ARG A 269 -8.00 -8.46 -19.69
N VAL A 270 -8.40 -8.11 -20.89
CA VAL A 270 -7.70 -8.51 -22.11
C VAL A 270 -7.39 -7.26 -22.94
N ALA A 271 -6.12 -7.11 -23.29
CA ALA A 271 -5.70 -5.98 -24.11
C ALA A 271 -6.30 -6.15 -25.50
N LEU A 272 -6.71 -5.03 -26.06
CA LEU A 272 -7.24 -4.94 -27.41
C LEU A 272 -6.08 -4.50 -28.30
N SER A 273 -6.39 -4.48 -29.60
CA SER A 273 -5.39 -4.15 -30.60
C SER A 273 -4.59 -2.91 -30.28
N GLY A 274 -3.28 -3.03 -30.27
CA GLY A 274 -2.40 -1.89 -30.09
C GLY A 274 -2.27 -1.31 -28.71
N ALA A 275 -2.77 -2.03 -27.71
CA ALA A 275 -2.70 -1.48 -26.35
C ALA A 275 -1.29 -1.46 -25.83
N ARG A 276 -0.44 -2.39 -26.24
CA ARG A 276 0.92 -2.39 -25.72
C ARG A 276 1.92 -2.42 -26.86
N SER A 277 3.05 -1.73 -26.76
CA SER A 277 4.08 -1.83 -27.78
C SER A 277 5.18 -2.77 -27.34
N GLU A 278 5.19 -3.09 -26.03
CA GLU A 278 6.15 -4.00 -25.43
C GLU A 278 5.36 -4.99 -24.59
N TRP A 279 5.73 -6.28 -24.61
CA TRP A 279 4.94 -7.26 -23.87
C TRP A 279 5.01 -7.08 -22.36
N GLY A 280 6.09 -6.47 -21.87
CA GLY A 280 6.26 -6.31 -20.42
C GLY A 280 5.46 -5.15 -19.84
N GLN A 281 4.77 -4.36 -20.64
CA GLN A 281 3.90 -3.29 -20.11
C GLN A 281 2.80 -3.91 -19.26
N TRP A 282 2.58 -3.37 -18.05
CA TRP A 282 1.62 -3.96 -17.12
C TRP A 282 0.66 -3.04 -16.39
N CYS A 283 0.93 -1.76 -16.33
CA CYS A 283 0.14 -0.86 -15.50
C CYS A 283 -1.03 -0.25 -16.23
N ASN A 284 -2.23 -0.57 -15.80
CA ASN A 284 -3.46 -0.01 -16.32
C ASN A 284 -3.41 0.07 -17.85
N VAL A 285 -3.18 -1.09 -18.44
CA VAL A 285 -3.04 -1.15 -19.90
C VAL A 285 -4.37 -0.82 -20.56
N ASN A 286 -4.25 0.00 -21.61
CA ASN A 286 -5.47 0.43 -22.31
C ASN A 286 -5.12 0.68 -23.78
N PRO A 287 -6.10 0.40 -24.64
CA PRO A 287 -7.42 -0.10 -24.33
C PRO A 287 -7.51 -1.55 -23.92
N ALA A 288 -8.44 -1.82 -23.00
CA ALA A 288 -8.66 -3.21 -22.59
C ALA A 288 -10.14 -3.44 -22.30
N GLY A 289 -10.53 -4.74 -22.34
CA GLY A 289 -11.93 -5.03 -22.03
C GLY A 289 -11.98 -6.17 -21.00
N PHE A 290 -13.14 -6.24 -20.35
CA PHE A 290 -13.41 -7.44 -19.54
C PHE A 290 -13.31 -8.65 -20.48
N GLY A 291 -12.60 -9.69 -20.05
CA GLY A 291 -12.47 -10.87 -20.90
C GLY A 291 -13.62 -11.85 -20.60
N GLN A 292 -13.48 -13.02 -21.21
CA GLN A 292 -14.44 -14.11 -21.05
C GLN A 292 -14.65 -14.43 -19.58
N PRO A 293 -15.89 -14.46 -19.16
CA PRO A 293 -16.21 -14.85 -17.78
C PRO A 293 -15.87 -16.31 -17.55
N PHE A 294 -15.83 -16.68 -16.25
CA PHE A 294 -15.49 -18.03 -15.90
C PHE A 294 -16.23 -19.09 -16.74
N THR A 295 -15.43 -20.09 -17.14
CA THR A 295 -15.96 -21.25 -17.85
C THR A 295 -14.98 -22.41 -17.78
N THR A 296 -15.50 -23.65 -17.85
CA THR A 296 -14.62 -24.81 -17.93
C THR A 296 -14.56 -25.29 -19.39
N ASN A 297 -15.29 -24.61 -20.27
CA ASN A 297 -15.26 -24.90 -21.72
C ASN A 297 -14.05 -24.20 -22.30
N THR A 298 -12.86 -24.71 -22.05
CA THR A 298 -11.60 -24.10 -22.41
C THR A 298 -11.00 -24.56 -23.71
N ASN A 299 -11.50 -25.69 -24.23
CA ASN A 299 -10.98 -26.26 -25.46
C ASN A 299 -9.50 -26.56 -25.39
N ASN A 300 -9.00 -26.92 -24.21
CA ASN A 300 -7.61 -27.24 -23.98
C ASN A 300 -7.57 -28.10 -22.72
N PRO A 301 -7.12 -29.33 -22.87
CA PRO A 301 -7.02 -30.35 -21.85
C PRO A 301 -6.19 -29.93 -20.64
N ASN A 302 -5.18 -29.10 -20.90
CA ASN A 302 -4.28 -28.61 -19.88
C ASN A 302 -4.87 -27.44 -19.12
N VAL A 303 -6.03 -26.96 -19.51
CA VAL A 303 -6.58 -25.76 -18.85
C VAL A 303 -7.90 -26.13 -18.17
N ASP A 304 -7.87 -26.26 -16.84
CA ASP A 304 -9.03 -26.51 -16.05
C ASP A 304 -10.15 -25.46 -16.22
N ALA A 305 -9.79 -24.18 -16.23
CA ALA A 305 -10.83 -23.17 -16.31
C ALA A 305 -10.27 -21.81 -16.69
N ILE A 306 -11.14 -21.02 -17.31
CA ILE A 306 -10.85 -19.59 -17.49
C ILE A 306 -11.51 -18.95 -16.27
N VAL A 307 -10.79 -18.14 -15.51
CA VAL A 307 -11.30 -17.46 -14.34
C VAL A 307 -11.01 -15.96 -14.41
N TRP A 308 -11.58 -15.17 -13.50
CA TRP A 308 -11.17 -13.78 -13.28
C TRP A 308 -10.49 -13.74 -11.89
N VAL A 309 -9.23 -13.25 -11.91
CA VAL A 309 -8.50 -13.20 -10.63
C VAL A 309 -8.30 -11.73 -10.26
N LYS A 310 -7.56 -10.94 -11.09
CA LYS A 310 -7.48 -9.52 -10.78
C LYS A 310 -8.85 -8.88 -10.90
N PRO A 311 -9.24 -8.06 -9.99
CA PRO A 311 -10.53 -7.33 -10.07
C PRO A 311 -10.41 -6.13 -11.00
N GLY A 312 -10.83 -6.21 -12.27
CA GLY A 312 -10.66 -5.14 -13.21
C GLY A 312 -11.50 -3.94 -12.76
N GLY A 313 -10.76 -2.82 -12.66
CA GLY A 313 -11.33 -1.58 -12.15
C GLY A 313 -10.49 -1.16 -10.93
N GLU A 314 -9.84 -2.11 -10.27
CA GLU A 314 -8.89 -1.75 -9.20
C GLU A 314 -7.57 -1.36 -9.85
N SER A 315 -7.03 -0.18 -9.59
CA SER A 315 -5.82 0.26 -10.26
C SER A 315 -4.62 -0.65 -9.98
N ASP A 316 -3.76 -0.71 -10.98
CA ASP A 316 -2.49 -1.37 -10.85
C ASP A 316 -1.44 -0.46 -10.17
N GLY A 317 -1.71 0.85 -10.23
CA GLY A 317 -0.75 1.85 -9.69
C GLY A 317 -1.05 3.18 -10.37
N GLN A 318 -0.35 4.25 -10.00
CA GLN A 318 -0.58 5.58 -10.57
C GLN A 318 0.23 5.72 -11.85
N CYS A 319 -0.25 5.01 -12.89
CA CYS A 319 0.49 4.90 -14.12
C CYS A 319 -0.47 4.38 -15.20
N GLY A 320 0.06 4.40 -16.42
CA GLY A 320 -0.61 3.80 -17.54
C GLY A 320 -1.74 4.48 -18.24
N MET A 321 -2.67 5.03 -17.49
CA MET A 321 -3.87 5.65 -18.02
C MET A 321 -4.10 6.88 -17.15
N GLY A 322 -4.37 8.00 -17.83
CA GLY A 322 -4.56 9.27 -17.11
C GLY A 322 -5.63 9.13 -16.04
N GLY A 323 -5.36 9.65 -14.84
CA GLY A 323 -6.33 9.58 -13.75
C GLY A 323 -6.19 8.39 -12.85
N ALA A 324 -5.22 7.51 -13.12
CA ALA A 324 -5.01 6.34 -12.29
C ALA A 324 -4.56 6.60 -10.87
N PRO A 325 -5.32 6.04 -9.92
CA PRO A 325 -5.02 6.07 -8.51
C PRO A 325 -3.99 5.07 -8.04
N ALA A 326 -3.48 4.97 -6.83
CA ALA A 326 -2.54 3.98 -6.35
C ALA A 326 -2.99 2.53 -6.45
N ALA A 327 -2.13 1.51 -6.43
CA ALA A 327 -2.51 0.13 -6.59
C ALA A 327 -3.61 -0.25 -5.61
N GLY A 328 -4.62 -0.92 -6.13
CA GLY A 328 -5.77 -1.39 -5.42
C GLY A 328 -6.88 -0.36 -5.27
N MET A 329 -6.66 0.91 -5.60
CA MET A 329 -7.70 1.93 -5.47
C MET A 329 -8.64 1.85 -6.68
N TRP A 330 -9.92 2.07 -6.49
CA TRP A 330 -10.88 1.98 -7.57
C TRP A 330 -10.65 3.08 -8.60
N PHE A 331 -10.68 2.68 -9.87
CA PHE A 331 -10.39 3.53 -11.01
C PHE A 331 -11.61 3.43 -11.93
N ASP A 332 -12.63 4.23 -11.57
CA ASP A 332 -13.90 4.03 -12.26
C ASP A 332 -13.90 4.28 -13.75
N ALA A 333 -13.10 5.22 -14.29
CA ALA A 333 -13.07 5.37 -15.74
C ALA A 333 -12.50 4.10 -16.42
N TYR A 334 -11.59 3.45 -15.71
CA TYR A 334 -11.04 2.21 -16.25
C TYR A 334 -12.11 1.11 -16.25
N ALA A 335 -12.86 1.03 -15.16
CA ALA A 335 -13.97 0.09 -15.07
C ALA A 335 -15.01 0.37 -16.15
N GLN A 336 -15.30 1.62 -16.46
CA GLN A 336 -16.22 1.92 -17.57
C GLN A 336 -15.62 1.45 -18.87
N MET A 337 -14.32 1.64 -19.14
CA MET A 337 -13.66 1.17 -20.32
C MET A 337 -13.74 -0.34 -20.48
N LEU A 338 -13.48 -1.06 -19.38
CA LEU A 338 -13.53 -2.52 -19.47
C LEU A 338 -14.96 -2.97 -19.84
N THR A 339 -15.94 -2.20 -19.40
CA THR A 339 -17.33 -2.58 -19.66
C THR A 339 -17.68 -2.32 -21.12
N GLN A 340 -17.45 -1.10 -21.59
CA GLN A 340 -17.68 -0.83 -23.02
C GLN A 340 -16.94 -1.79 -23.93
N ASN A 341 -15.76 -2.30 -23.61
CA ASN A 341 -15.00 -3.22 -24.45
C ASN A 341 -15.13 -4.68 -24.02
N ALA A 342 -16.14 -4.94 -23.19
CA ALA A 342 -16.29 -6.32 -22.70
C ALA A 342 -16.55 -7.38 -23.75
N HIS A 343 -16.16 -8.57 -23.35
CA HIS A 343 -16.40 -9.81 -24.09
C HIS A 343 -17.91 -9.89 -24.33
N ASP A 344 -18.24 -10.44 -25.52
CA ASP A 344 -19.65 -10.55 -25.91
C ASP A 344 -20.57 -11.28 -24.96
N GLU A 345 -20.09 -12.22 -24.14
CA GLU A 345 -20.96 -12.84 -23.15
C GLU A 345 -21.58 -11.86 -22.16
N ILE A 346 -20.92 -10.75 -21.83
CA ILE A 346 -21.41 -9.79 -20.86
C ILE A 346 -22.43 -8.85 -21.50
N ALA A 347 -23.64 -8.94 -20.99
CA ALA A 347 -24.74 -8.12 -21.49
C ALA A 347 -25.87 -7.98 -20.46
N GLY B 3 5.46 23.08 29.90
CA GLY B 3 6.72 23.33 29.22
C GLY B 3 6.83 22.48 27.95
N ASN B 4 7.86 22.77 27.18
CA ASN B 4 8.15 22.05 25.92
C ASN B 4 8.74 20.70 26.21
N PRO B 5 8.08 19.62 25.72
CA PRO B 5 8.48 18.26 25.91
C PRO B 5 9.78 17.85 25.27
N PHE B 6 10.28 18.65 24.31
CA PHE B 6 11.51 18.32 23.62
C PHE B 6 12.73 18.97 24.28
N SER B 7 12.44 19.94 25.14
CA SER B 7 13.52 20.66 25.82
C SER B 7 14.41 19.68 26.56
N GLY B 8 15.70 19.69 26.20
CA GLY B 8 16.71 18.83 26.74
C GLY B 8 16.73 17.38 26.38
N ARG B 9 15.92 16.99 25.39
CA ARG B 9 15.83 15.66 24.86
C ARG B 9 16.30 15.58 23.40
N THR B 10 16.56 14.35 22.99
CA THR B 10 16.98 14.09 21.62
C THR B 10 15.80 13.34 20.97
N LEU B 11 15.48 13.71 19.74
CA LEU B 11 14.45 12.99 18.98
C LEU B 11 15.09 11.67 18.58
N LEU B 12 14.44 10.56 18.95
CA LEU B 12 15.00 9.26 18.68
C LEU B 12 15.12 8.89 17.22
N VAL B 13 16.23 8.28 16.84
CA VAL B 13 16.45 7.79 15.49
C VAL B 13 15.44 6.69 15.18
N ASN B 14 14.92 6.78 13.96
CA ASN B 14 14.00 5.75 13.46
C ASN B 14 14.83 4.65 12.83
N SER B 15 14.88 3.48 13.51
CA SER B 15 15.75 2.40 13.05
C SER B 15 15.35 1.78 11.74
N ASP B 16 14.09 1.82 11.38
CA ASP B 16 13.63 1.29 10.10
C ASP B 16 14.21 2.19 9.01
N TYR B 17 13.96 3.50 9.17
CA TYR B 17 14.48 4.47 8.22
C TYR B 17 16.00 4.35 8.10
N SER B 18 16.69 4.34 9.24
CA SER B 18 18.14 4.22 9.26
C SER B 18 18.64 3.03 8.45
N SER B 19 18.04 1.83 8.66
CA SER B 19 18.43 0.67 7.89
C SER B 19 18.20 0.80 6.38
N LYS B 20 17.06 1.41 6.01
CA LYS B 20 16.81 1.64 4.59
C LYS B 20 17.78 2.62 3.95
N LEU B 21 18.25 3.58 4.71
CA LEU B 21 19.25 4.54 4.26
C LEU B 21 20.60 3.86 4.03
N ASP B 22 20.79 2.61 4.46
CA ASP B 22 22.05 1.91 4.22
C ASP B 22 22.24 1.68 2.73
N GLN B 23 21.13 1.46 2.00
CA GLN B 23 21.19 1.33 0.56
C GLN B 23 21.74 2.59 -0.09
N THR B 24 21.35 3.78 0.44
CA THR B 24 21.80 5.05 -0.12
C THR B 24 23.30 5.26 0.14
N ARG B 25 23.69 4.90 1.35
CA ARG B 25 25.11 5.04 1.75
C ARG B 25 25.93 4.20 0.76
N GLN B 26 25.50 2.95 0.56
CA GLN B 26 26.17 2.02 -0.35
C GLN B 26 26.16 2.53 -1.78
N ALA B 27 25.05 3.15 -2.24
CA ALA B 27 25.06 3.64 -3.62
C ALA B 27 26.06 4.77 -3.76
N PHE B 28 26.16 5.68 -2.81
CA PHE B 28 27.19 6.73 -2.92
C PHE B 28 28.58 6.08 -2.93
N LEU B 29 28.79 5.08 -2.09
CA LEU B 29 30.08 4.40 -2.05
C LEU B 29 30.40 3.73 -3.39
N SER B 30 29.41 3.21 -4.12
CA SER B 30 29.73 2.56 -5.41
C SER B 30 30.23 3.51 -6.47
N ARG B 31 29.99 4.81 -6.33
CA ARG B 31 30.47 5.81 -7.29
C ARG B 31 31.68 6.57 -6.77
N GLY B 32 32.24 6.10 -5.65
CA GLY B 32 33.39 6.79 -5.04
C GLY B 32 33.00 8.14 -4.44
N ASP B 33 31.69 8.27 -4.11
CA ASP B 33 31.26 9.55 -3.53
C ASP B 33 31.27 9.41 -2.02
N GLN B 34 32.46 9.61 -1.44
CA GLN B 34 32.65 9.52 -0.01
C GLN B 34 31.94 10.64 0.76
N THR B 35 31.96 11.85 0.24
CA THR B 35 31.28 12.96 0.93
C THR B 35 29.79 12.65 1.16
N ASN B 36 29.10 12.20 0.13
CA ASN B 36 27.66 11.91 0.33
C ASN B 36 27.46 10.64 1.11
N ALA B 37 28.30 9.62 0.94
CA ALA B 37 28.18 8.40 1.75
C ALA B 37 28.24 8.76 3.23
N ALA B 38 29.22 9.59 3.62
CA ALA B 38 29.34 9.98 5.02
C ALA B 38 28.14 10.79 5.49
N LYS B 39 27.54 11.67 4.69
CA LYS B 39 26.33 12.40 5.05
C LYS B 39 25.18 11.43 5.32
N VAL B 40 25.09 10.36 4.51
CA VAL B 40 24.00 9.38 4.78
C VAL B 40 24.22 8.71 6.15
N LYS B 41 25.48 8.32 6.41
CA LYS B 41 25.78 7.66 7.69
C LYS B 41 25.48 8.56 8.85
N TYR B 42 25.73 9.88 8.75
CA TYR B 42 25.36 10.81 9.78
C TYR B 42 23.85 10.75 9.99
N VAL B 43 23.07 10.76 8.89
CA VAL B 43 21.61 10.71 9.12
C VAL B 43 21.18 9.41 9.78
N GLN B 44 21.82 8.33 9.43
CA GLN B 44 21.59 7.02 9.95
C GLN B 44 21.79 6.95 11.46
N GLU B 45 22.85 7.61 11.93
CA GLU B 45 23.19 7.53 13.34
C GLU B 45 22.72 8.66 14.22
N LYS B 46 22.58 9.89 13.69
CA LYS B 46 22.33 11.05 14.52
C LYS B 46 21.10 11.89 14.32
N VAL B 47 20.28 11.63 13.31
CA VAL B 47 19.11 12.44 13.00
C VAL B 47 17.82 11.72 13.42
N GLY B 48 17.12 12.25 14.40
CA GLY B 48 15.87 11.57 14.81
C GLY B 48 14.78 11.74 13.75
N THR B 49 13.94 10.73 13.57
CA THR B 49 12.80 10.80 12.64
C THR B 49 11.66 10.03 13.30
N PHE B 50 10.43 10.50 13.02
CA PHE B 50 9.26 9.83 13.54
C PHE B 50 9.05 8.50 12.85
N TYR B 51 8.42 7.62 13.65
CA TYR B 51 8.01 6.31 13.19
C TYR B 51 6.53 6.38 12.78
N TRP B 52 6.24 5.99 11.53
CA TRP B 52 4.86 6.07 11.07
C TRP B 52 4.08 4.78 11.30
N ILE B 53 3.01 4.92 12.09
CA ILE B 53 2.20 3.71 12.40
C ILE B 53 1.01 3.74 11.48
N SER B 54 1.33 3.47 10.18
CA SER B 54 0.36 3.72 9.12
C SER B 54 -0.66 2.64 8.80
N ASN B 55 -0.62 1.55 9.56
CA ASN B 55 -1.60 0.48 9.41
C ASN B 55 -1.58 -0.32 10.71
N ILE B 56 -2.48 -1.29 10.84
CA ILE B 56 -2.53 -2.11 12.05
C ILE B 56 -1.34 -3.02 12.15
N PHE B 57 -0.83 -3.57 11.05
CA PHE B 57 0.38 -4.42 11.15
C PHE B 57 1.52 -3.64 11.78
N LEU B 58 1.64 -2.32 11.50
CA LEU B 58 2.77 -1.51 11.95
C LEU B 58 2.63 -1.07 13.40
N LEU B 59 1.54 -1.52 14.06
CA LEU B 59 1.54 -1.33 15.52
C LEU B 59 2.76 -1.98 16.14
N ARG B 60 3.39 -2.99 15.55
CA ARG B 60 4.58 -3.64 16.13
C ARG B 60 5.78 -2.73 16.13
N ASP B 61 5.79 -1.73 15.25
CA ASP B 61 6.86 -0.76 15.23
C ASP B 61 6.84 0.13 16.45
N ILE B 62 5.72 0.22 17.14
CA ILE B 62 5.65 0.95 18.41
C ILE B 62 6.57 0.19 19.38
N ASP B 63 6.55 -1.15 19.44
CA ASP B 63 7.44 -1.89 20.33
C ASP B 63 8.89 -1.78 19.95
N VAL B 64 9.20 -1.63 18.66
CA VAL B 64 10.57 -1.45 18.22
C VAL B 64 11.05 -0.07 18.71
N ALA B 65 10.21 0.97 18.59
CA ALA B 65 10.63 2.33 18.96
C ALA B 65 10.89 2.43 20.45
N ILE B 66 10.03 1.71 21.20
CA ILE B 66 10.14 1.67 22.66
C ILE B 66 11.45 1.03 23.09
N GLN B 67 11.78 -0.09 22.50
CA GLN B 67 12.98 -0.86 22.71
C GLN B 67 14.19 0.03 22.39
N ASN B 68 14.08 0.76 21.27
CA ASN B 68 15.18 1.65 20.91
C ASN B 68 15.27 2.82 21.87
N ALA B 69 14.18 3.34 22.40
CA ALA B 69 14.23 4.44 23.37
C ALA B 69 14.79 3.92 24.71
N ARG B 70 14.66 2.64 25.01
CA ARG B 70 15.25 2.09 26.24
C ARG B 70 16.73 1.83 26.01
N ALA B 71 17.12 1.34 24.84
CA ALA B 71 18.52 1.10 24.51
C ALA B 71 19.32 2.41 24.48
N ALA B 72 18.71 3.48 23.96
CA ALA B 72 19.40 4.75 23.86
C ALA B 72 19.62 5.38 25.23
N LYS B 73 18.54 5.43 26.01
CA LYS B 73 18.63 6.04 27.35
C LYS B 73 19.49 5.21 28.29
N ALA B 74 19.76 3.95 27.98
CA ALA B 74 20.68 3.10 28.71
C ALA B 74 22.12 3.35 28.27
N ARG B 75 22.34 3.97 27.11
CA ARG B 75 23.69 4.29 26.68
C ARG B 75 24.04 5.72 27.12
N GLY B 76 23.17 6.29 27.94
CA GLY B 76 23.34 7.59 28.52
C GLY B 76 22.52 8.72 27.92
N GLU B 77 21.75 8.48 26.86
CA GLU B 77 21.00 9.58 26.24
C GLU B 77 19.64 9.82 26.89
N ASN B 78 18.96 10.88 26.47
CA ASN B 78 17.65 11.28 26.96
C ASN B 78 16.69 11.53 25.79
N PRO B 79 16.08 10.47 25.32
CA PRO B 79 15.29 10.50 24.09
C PRO B 79 13.83 10.80 24.23
N ILE B 80 13.29 11.25 23.07
CA ILE B 80 11.83 11.42 22.98
C ILE B 80 11.48 10.69 21.66
N VAL B 81 10.47 9.85 21.72
CA VAL B 81 10.08 9.03 20.56
C VAL B 81 8.98 9.73 19.79
N GLY B 82 9.21 9.96 18.47
CA GLY B 82 8.14 10.53 17.65
C GLY B 82 7.37 9.38 16.98
N LEU B 83 6.04 9.47 17.09
CA LEU B 83 5.17 8.48 16.45
C LEU B 83 4.11 9.21 15.64
N VAL B 84 3.75 8.66 14.44
CA VAL B 84 2.67 9.19 13.66
C VAL B 84 1.42 8.27 13.72
N LEU B 85 0.35 8.79 14.29
CA LEU B 85 -0.91 7.98 14.36
C LEU B 85 -1.64 8.32 13.07
N TYR B 86 -1.71 7.33 12.15
CA TYR B 86 -2.23 7.66 10.81
C TYR B 86 -2.95 6.44 10.22
N ASN B 87 -4.19 6.31 10.60
CA ASN B 87 -4.96 5.17 9.99
C ASN B 87 -6.44 5.54 9.93
N LEU B 88 -6.80 6.81 9.74
CA LEU B 88 -8.22 7.17 9.78
C LEU B 88 -9.03 6.42 8.74
N PRO B 89 -10.24 6.04 9.09
CA PRO B 89 -11.16 5.49 8.09
C PRO B 89 -11.37 6.54 7.00
N ASP B 90 -11.40 6.17 5.73
CA ASP B 90 -11.50 7.08 4.60
C ASP B 90 -10.37 8.14 4.63
N ARG B 91 -9.18 7.65 4.96
CA ARG B 91 -7.95 8.46 5.05
C ARG B 91 -7.65 9.21 3.79
N ASP B 92 -7.25 10.47 3.87
CA ASP B 92 -6.94 11.30 2.71
C ASP B 92 -8.12 11.30 1.76
N CYS B 93 -9.27 11.80 2.29
CA CYS B 93 -10.49 11.66 1.52
C CYS B 93 -10.48 12.39 0.19
N SER B 94 -9.60 13.35 -0.01
CA SER B 94 -9.49 14.13 -1.22
C SER B 94 -9.36 13.20 -2.43
N ALA B 95 -8.65 12.06 -2.26
CA ALA B 95 -8.51 11.14 -3.38
C ALA B 95 -9.78 10.39 -3.76
N GLY B 96 -10.84 10.37 -2.97
CA GLY B 96 -12.08 9.72 -3.33
C GLY B 96 -12.26 8.32 -2.69
N GLU B 97 -11.22 7.82 -1.99
CA GLU B 97 -11.33 6.50 -1.39
C GLU B 97 -10.24 6.41 -0.32
N SER B 98 -10.43 5.67 0.76
CA SER B 98 -9.35 5.71 1.75
C SER B 98 -7.98 5.38 1.16
N SER B 99 -6.99 6.12 1.60
CA SER B 99 -5.60 5.86 1.24
C SER B 99 -5.02 4.72 2.10
N GLY B 100 -5.72 4.29 3.12
CA GLY B 100 -5.33 3.24 4.03
C GLY B 100 -6.31 2.08 4.02
N GLU B 101 -6.13 1.17 4.96
CA GLU B 101 -6.94 -0.04 4.99
C GLU B 101 -8.34 0.09 5.57
N LEU B 102 -8.65 1.13 6.32
CA LEU B 102 -9.98 1.30 6.90
C LEU B 102 -10.90 2.21 6.12
N LYS B 103 -12.16 1.79 6.00
CA LYS B 103 -13.14 2.54 5.24
C LYS B 103 -14.39 2.74 6.10
N LEU B 104 -15.02 3.91 6.03
CA LEU B 104 -16.21 4.10 6.89
C LEU B 104 -17.34 3.12 6.56
N SER B 105 -17.44 2.81 5.27
CA SER B 105 -18.46 1.82 4.85
C SER B 105 -18.14 0.38 5.21
N GLN B 106 -16.99 0.04 5.75
CA GLN B 106 -16.57 -1.25 6.21
C GLN B 106 -16.30 -1.24 7.70
N ASN B 107 -17.26 -0.64 8.44
CA ASN B 107 -17.18 -0.55 9.89
C ASN B 107 -15.88 0.11 10.38
N GLY B 108 -15.45 1.09 9.58
CA GLY B 108 -14.13 1.67 9.83
C GLY B 108 -13.96 2.44 11.09
N LEU B 109 -15.00 3.23 11.46
CA LEU B 109 -14.87 3.95 12.75
C LEU B 109 -14.61 2.99 13.90
N ASN B 110 -15.41 1.91 14.06
CA ASN B 110 -15.17 0.94 15.13
C ASN B 110 -13.85 0.20 15.08
N ARG B 111 -13.41 -0.23 13.88
CA ARG B 111 -12.11 -0.86 13.72
C ARG B 111 -10.97 0.12 14.09
N TYR B 112 -11.16 1.39 13.72
CA TYR B 112 -10.12 2.36 14.09
C TYR B 112 -10.00 2.48 15.60
N LYS B 113 -11.17 2.61 16.27
CA LYS B 113 -11.09 2.72 17.73
C LYS B 113 -10.51 1.50 18.40
N ASN B 114 -11.11 0.33 18.03
CA ASN B 114 -10.79 -0.91 18.71
C ASN B 114 -9.61 -1.72 18.22
N GLU B 115 -9.30 -1.67 16.93
CA GLU B 115 -8.18 -2.49 16.44
C GLU B 115 -6.95 -1.62 16.14
N TYR B 116 -7.14 -0.30 16.21
CA TYR B 116 -5.99 0.58 15.97
C TYR B 116 -5.64 1.48 17.16
N VAL B 117 -6.50 2.40 17.54
CA VAL B 117 -6.24 3.34 18.64
C VAL B 117 -6.07 2.60 19.96
N ASN B 118 -6.95 1.65 20.31
CA ASN B 118 -6.78 1.00 21.62
C ASN B 118 -5.45 0.38 21.88
N PRO B 119 -4.95 -0.50 20.99
CA PRO B 119 -3.66 -1.11 21.13
C PRO B 119 -2.53 -0.10 21.07
N PHE B 120 -2.72 0.95 20.26
CA PHE B 120 -1.65 1.97 20.20
C PHE B 120 -1.50 2.60 21.59
N ALA B 121 -2.65 3.02 22.11
CA ALA B 121 -2.66 3.65 23.44
C ALA B 121 -2.17 2.71 24.51
N GLN B 122 -2.46 1.40 24.48
CA GLN B 122 -1.99 0.44 25.46
C GLN B 122 -0.48 0.29 25.53
N LYS B 123 0.17 0.22 24.37
CA LYS B 123 1.62 0.09 24.30
C LYS B 123 2.25 1.37 24.85
N LEU B 124 1.70 2.53 24.59
CA LEU B 124 2.30 3.78 25.09
C LEU B 124 2.14 3.87 26.60
N LYS B 125 1.02 3.38 27.11
CA LYS B 125 0.78 3.38 28.57
C LYS B 125 1.67 2.42 29.32
N ALA B 126 1.95 1.21 28.82
CA ALA B 126 2.88 0.29 29.47
C ALA B 126 4.30 0.83 29.52
N ALA B 127 4.61 1.72 28.59
CA ALA B 127 5.87 2.40 28.43
C ALA B 127 5.85 3.76 29.13
N SER B 128 5.75 3.72 30.46
CA SER B 128 5.69 4.90 31.29
C SER B 128 7.04 5.61 31.43
N ASP B 129 8.11 4.89 31.26
CA ASP B 129 9.49 5.32 31.30
C ASP B 129 9.89 6.07 30.03
N VAL B 130 9.03 6.01 29.01
CA VAL B 130 9.32 6.64 27.73
C VAL B 130 8.46 7.85 27.43
N GLN B 131 9.17 8.87 26.88
CA GLN B 131 8.50 10.10 26.47
C GLN B 131 8.11 9.99 24.97
N PHE B 132 6.86 10.29 24.73
CA PHE B 132 6.37 10.17 23.35
C PHE B 132 5.84 11.47 22.82
N ALA B 133 6.17 11.78 21.54
CA ALA B 133 5.52 12.86 20.84
C ALA B 133 4.66 12.20 19.73
N VAL B 134 3.37 12.38 19.82
CA VAL B 134 2.47 11.71 18.84
C VAL B 134 1.83 12.73 17.94
N ILE B 135 2.09 12.63 16.62
CA ILE B 135 1.40 13.44 15.63
C ILE B 135 0.13 12.71 15.17
N LEU B 136 -0.95 13.41 15.35
CA LEU B 136 -2.27 12.86 15.07
C LEU B 136 -2.78 13.22 13.70
N GLU B 137 -2.96 12.15 12.89
CA GLU B 137 -3.57 12.12 11.61
C GLU B 137 -3.26 13.25 10.65
N PRO B 138 -2.08 13.11 10.01
CA PRO B 138 -1.66 14.13 9.03
C PRO B 138 -2.70 14.32 7.97
N ASP B 139 -2.95 15.58 7.67
CA ASP B 139 -3.81 16.23 6.77
C ASP B 139 -5.31 15.99 6.91
N ALA B 140 -5.73 15.31 7.98
CA ALA B 140 -7.17 15.07 8.13
C ALA B 140 -7.88 16.41 8.30
N ILE B 141 -7.32 17.28 9.14
CA ILE B 141 -7.96 18.59 9.33
C ILE B 141 -8.03 19.41 8.07
N GLY B 142 -6.99 19.37 7.24
CA GLY B 142 -7.00 20.11 5.96
C GLY B 142 -8.17 19.62 5.10
N ASN B 143 -8.31 18.30 4.99
CA ASN B 143 -9.41 17.80 4.15
C ASN B 143 -10.79 18.20 4.72
N MET B 144 -10.85 18.28 6.04
CA MET B 144 -12.13 18.67 6.65
C MET B 144 -12.50 20.11 6.37
N VAL B 145 -11.51 20.99 6.51
CA VAL B 145 -11.77 22.40 6.32
C VAL B 145 -12.09 22.79 4.89
N THR B 146 -11.34 22.26 3.92
CA THR B 146 -11.52 22.66 2.54
C THR B 146 -12.13 21.61 1.64
N GLY B 147 -12.23 20.34 2.04
CA GLY B 147 -12.74 19.32 1.13
C GLY B 147 -14.22 19.49 0.83
N THR B 148 -14.58 19.54 -0.45
CA THR B 148 -15.98 19.74 -0.80
C THR B 148 -16.61 18.55 -1.54
N SER B 149 -15.86 17.48 -1.77
CA SER B 149 -16.45 16.34 -2.47
C SER B 149 -17.40 15.62 -1.51
N ALA B 150 -18.35 14.84 -2.07
CA ALA B 150 -19.29 14.11 -1.23
C ALA B 150 -18.59 13.13 -0.31
N PHE B 151 -17.56 12.47 -0.86
CA PHE B 151 -16.78 11.51 -0.07
C PHE B 151 -16.18 12.16 1.16
N CYS B 152 -15.54 13.34 0.98
CA CYS B 152 -15.00 14.05 2.13
C CYS B 152 -16.12 14.58 3.04
N ARG B 153 -17.19 15.07 2.43
CA ARG B 153 -18.30 15.64 3.21
C ARG B 153 -18.94 14.57 4.08
N ASN B 154 -19.08 13.35 3.53
CA ASN B 154 -19.55 12.22 4.34
C ASN B 154 -18.64 11.71 5.41
N ALA B 155 -17.31 11.83 5.29
CA ALA B 155 -16.35 11.37 6.25
C ALA B 155 -16.08 12.36 7.40
N ARG B 156 -16.46 13.62 7.15
CA ARG B 156 -16.10 14.62 8.15
C ARG B 156 -16.52 14.33 9.59
N GLY B 157 -17.79 14.04 9.82
CA GLY B 157 -18.30 13.79 11.17
C GLY B 157 -17.62 12.67 11.90
N PRO B 158 -17.63 11.48 11.23
CA PRO B 158 -17.00 10.27 11.73
C PRO B 158 -15.53 10.51 11.97
N GLN B 159 -14.82 11.25 11.11
CA GLN B 159 -13.40 11.55 11.31
C GLN B 159 -13.17 12.46 12.51
N GLN B 160 -14.05 13.39 12.75
CA GLN B 160 -13.94 14.21 13.98
C GLN B 160 -14.13 13.34 15.21
N GLU B 161 -15.15 12.43 15.16
CA GLU B 161 -15.31 11.52 16.28
C GLU B 161 -14.06 10.64 16.45
N ALA B 162 -13.51 10.13 15.34
CA ALA B 162 -12.35 9.26 15.48
C ALA B 162 -11.15 9.99 16.07
N ILE B 163 -10.93 11.23 15.59
CA ILE B 163 -9.72 11.90 16.14
C ILE B 163 -9.94 12.30 17.60
N GLY B 164 -11.14 12.78 17.91
CA GLY B 164 -11.48 13.06 19.32
C GLY B 164 -11.30 11.81 20.18
N TYR B 165 -11.76 10.64 19.67
CA TYR B 165 -11.52 9.39 20.40
C TYR B 165 -10.05 9.16 20.67
N ALA B 166 -9.18 9.27 19.65
CA ALA B 166 -7.77 9.10 19.76
C ALA B 166 -7.18 9.97 20.87
N ILE B 167 -7.52 11.27 20.83
CA ILE B 167 -7.02 12.16 21.88
C ILE B 167 -7.47 11.70 23.29
N SER B 168 -8.77 11.36 23.35
CA SER B 168 -9.30 10.90 24.65
C SER B 168 -8.56 9.70 25.18
N GLN B 169 -8.02 8.78 24.38
CA GLN B 169 -7.30 7.61 24.81
C GLN B 169 -5.82 7.78 25.01
N LEU B 170 -5.26 8.98 24.78
CA LEU B 170 -3.84 9.25 24.89
C LEU B 170 -3.50 10.38 25.86
N GLN B 171 -4.19 10.33 27.00
CA GLN B 171 -4.04 11.36 28.03
C GLN B 171 -3.21 10.85 29.19
N ALA B 172 -1.90 11.10 29.13
CA ALA B 172 -0.96 10.71 30.15
C ALA B 172 0.14 11.78 30.17
N SER B 173 0.93 11.83 31.24
CA SER B 173 2.04 12.74 31.40
C SER B 173 3.25 12.57 30.50
N HIS B 174 3.44 11.40 29.89
CA HIS B 174 4.58 11.11 29.05
C HIS B 174 4.21 11.10 27.56
N ILE B 175 2.96 11.43 27.32
CA ILE B 175 2.48 11.44 25.92
C ILE B 175 2.09 12.85 25.56
N HIS B 176 2.75 13.44 24.55
CA HIS B 176 2.59 14.80 24.11
C HIS B 176 2.02 14.79 22.68
N LEU B 177 0.80 15.25 22.61
CA LEU B 177 0.00 15.17 21.40
C LEU B 177 0.08 16.46 20.61
N TYR B 178 0.33 16.26 19.32
CA TYR B 178 0.39 17.30 18.32
C TYR B 178 -0.60 17.02 17.20
N LEU B 179 -1.70 17.77 17.18
CA LEU B 179 -2.73 17.53 16.19
C LEU B 179 -2.28 18.10 14.85
N ASP B 180 -2.28 17.30 13.78
CA ASP B 180 -1.78 17.89 12.51
C ASP B 180 -2.66 18.98 11.94
N VAL B 181 -2.03 20.05 11.39
CA VAL B 181 -2.73 21.10 10.72
C VAL B 181 -2.13 21.42 9.34
N ALA B 182 -1.75 20.37 8.62
CA ALA B 182 -1.32 20.47 7.22
C ALA B 182 -0.10 21.38 7.03
N ASN B 183 -0.20 22.42 6.18
CA ASN B 183 0.98 23.25 6.01
C ASN B 183 0.47 24.65 5.67
N GLY B 184 1.41 25.60 5.70
CA GLY B 184 1.00 26.96 5.46
C GLY B 184 0.33 27.18 4.11
N GLY B 185 0.64 26.45 3.06
CA GLY B 185 0.06 26.57 1.76
C GLY B 185 -1.37 26.08 1.62
N TRP B 186 -1.81 25.28 2.59
CA TRP B 186 -3.14 24.72 2.58
C TRP B 186 -4.07 25.52 3.50
N LEU B 187 -3.67 25.65 4.76
CA LEU B 187 -4.49 26.31 5.77
C LEU B 187 -3.97 27.65 6.30
N GLY B 188 -2.90 28.17 5.70
CA GLY B 188 -2.31 29.39 6.30
C GLY B 188 -2.76 30.67 5.63
N TRP B 189 -3.68 30.58 4.67
CA TRP B 189 -4.22 31.75 4.00
C TRP B 189 -5.09 32.52 4.99
N ALA B 190 -5.18 33.82 4.72
CA ALA B 190 -6.00 34.64 5.61
C ALA B 190 -7.39 34.03 5.77
N ASP B 191 -8.06 33.54 4.74
CA ASP B 191 -9.41 33.01 4.95
C ASP B 191 -9.45 31.62 5.54
N LYS B 192 -8.32 30.96 5.82
CA LYS B 192 -8.35 29.60 6.33
C LYS B 192 -7.89 29.40 7.76
N LEU B 193 -7.25 30.46 8.32
CA LEU B 193 -6.76 30.34 9.69
C LEU B 193 -7.89 30.14 10.70
N GLU B 194 -8.96 30.95 10.60
CA GLU B 194 -10.07 30.88 11.54
C GLU B 194 -10.82 29.55 11.43
N PRO B 195 -11.12 29.15 10.22
CA PRO B 195 -11.77 27.86 9.99
C PRO B 195 -10.98 26.70 10.57
N THR B 196 -9.64 26.75 10.45
CA THR B 196 -8.76 25.74 11.03
C THR B 196 -8.88 25.70 12.54
N ALA B 197 -8.87 26.88 13.15
CA ALA B 197 -9.03 26.96 14.60
C ALA B 197 -10.41 26.41 15.05
N GLN B 198 -11.44 26.65 14.27
CA GLN B 198 -12.79 26.18 14.57
C GLN B 198 -12.81 24.65 14.57
N GLU B 199 -12.12 24.09 13.56
CA GLU B 199 -12.09 22.62 13.44
C GLU B 199 -11.43 21.97 14.60
N VAL B 200 -10.31 22.55 15.10
CA VAL B 200 -9.60 22.14 16.27
C VAL B 200 -10.53 22.21 17.49
N ALA B 201 -11.31 23.29 17.63
CA ALA B 201 -12.18 23.40 18.80
C ALA B 201 -13.23 22.30 18.74
N THR B 202 -13.82 22.10 17.58
CA THR B 202 -14.83 21.02 17.44
C THR B 202 -14.26 19.67 17.83
N ILE B 203 -13.10 19.29 17.31
CA ILE B 203 -12.46 18.01 17.65
C ILE B 203 -12.11 17.90 19.12
N LEU B 204 -11.64 18.99 19.72
CA LEU B 204 -11.29 18.96 21.13
C LEU B 204 -12.57 18.85 21.97
N GLN B 205 -13.66 19.48 21.53
CA GLN B 205 -14.92 19.28 22.29
C GLN B 205 -15.23 17.80 22.34
N LYS B 206 -15.16 17.11 21.20
CA LYS B 206 -15.43 15.67 21.12
C LYS B 206 -14.51 14.78 21.91
N ALA B 207 -13.26 15.15 22.17
CA ALA B 207 -12.28 14.44 22.93
C ALA B 207 -12.58 14.37 24.42
N GLY B 208 -13.38 15.33 24.90
CA GLY B 208 -13.76 15.37 26.31
C GLY B 208 -13.34 16.67 27.00
N ASN B 209 -14.05 16.98 28.09
CA ASN B 209 -13.81 18.16 28.90
C ASN B 209 -12.39 18.49 29.30
N ASN B 210 -11.72 17.46 29.83
CA ASN B 210 -10.37 17.60 30.33
C ASN B 210 -9.33 17.11 29.34
N ALA B 211 -9.75 16.80 28.12
CA ALA B 211 -8.82 16.30 27.11
C ALA B 211 -7.89 17.43 26.67
N LYS B 212 -6.59 17.16 26.69
CA LYS B 212 -5.71 18.24 26.22
C LYS B 212 -4.80 17.73 25.10
N ILE B 213 -4.20 18.69 24.40
CA ILE B 213 -3.14 18.42 23.42
C ILE B 213 -2.06 19.47 23.72
N ARG B 214 -0.83 19.19 23.35
CA ARG B 214 0.26 20.16 23.51
C ARG B 214 0.16 21.21 22.41
N GLY B 215 -0.25 20.78 21.21
CA GLY B 215 -0.31 21.73 20.11
C GLY B 215 -0.47 20.97 18.79
N PHE B 216 0.19 21.51 17.76
CA PHE B 216 -0.02 21.11 16.38
C PHE B 216 1.27 20.73 15.63
N SER B 217 1.05 19.99 14.51
CA SER B 217 2.21 19.68 13.66
C SER B 217 1.93 20.35 12.30
N SER B 218 2.99 20.76 11.62
CA SER B 218 2.80 21.30 10.27
C SER B 218 3.99 20.91 9.38
N ASN B 219 3.77 20.98 8.08
CA ASN B 219 4.69 20.64 7.01
C ASN B 219 5.10 19.20 6.91
N VAL B 220 4.33 18.32 7.60
CA VAL B 220 4.62 16.91 7.56
C VAL B 220 4.42 16.43 6.12
N SER B 221 5.48 15.78 5.61
CA SER B 221 5.58 15.32 4.24
C SER B 221 5.55 16.42 3.21
N ASN B 222 5.71 17.67 3.63
CA ASN B 222 5.74 18.79 2.70
C ASN B 222 7.15 19.35 2.66
N TYR B 223 7.24 20.54 2.01
CA TYR B 223 8.59 20.98 1.62
C TYR B 223 8.87 22.45 1.88
N ASN B 224 7.95 23.09 2.63
CA ASN B 224 8.09 24.54 2.82
C ASN B 224 9.27 24.80 3.74
N PRO B 225 9.95 25.92 3.52
CA PRO B 225 10.99 26.37 4.40
C PRO B 225 10.45 26.72 5.80
N TYR B 226 11.26 26.53 6.81
CA TYR B 226 10.87 26.98 8.15
C TYR B 226 10.93 28.50 8.23
N SER B 227 12.07 29.09 7.84
CA SER B 227 12.16 30.56 7.94
C SER B 227 12.98 31.07 6.76
N THR B 228 12.34 31.93 6.00
CA THR B 228 13.12 32.50 4.87
C THR B 228 12.65 33.92 4.63
N SER B 229 13.64 34.73 4.18
CA SER B 229 13.33 36.09 3.76
C SER B 229 13.07 36.12 2.26
N ASN B 230 13.05 34.96 1.59
CA ASN B 230 12.76 34.89 0.16
C ASN B 230 11.88 33.71 -0.19
N PRO B 231 10.63 33.73 0.28
CA PRO B 231 9.63 32.71 -0.02
C PRO B 231 9.27 32.76 -1.48
N PRO B 232 8.83 31.68 -2.10
CA PRO B 232 8.43 31.61 -3.47
C PRO B 232 7.32 32.58 -3.82
N PRO B 233 7.25 33.07 -5.04
CA PRO B 233 6.22 33.94 -5.55
C PRO B 233 4.79 33.43 -5.36
N TYR B 234 4.58 32.11 -5.42
CA TYR B 234 3.25 31.55 -5.20
C TYR B 234 2.73 31.81 -3.79
N THR B 235 3.54 32.26 -2.84
CA THR B 235 3.11 32.58 -1.50
C THR B 235 2.60 34.02 -1.37
N SER B 236 2.65 34.72 -2.49
CA SER B 236 2.23 36.10 -2.57
C SER B 236 0.76 36.18 -2.13
N GLY B 237 0.53 37.10 -1.21
CA GLY B 237 -0.82 37.27 -0.69
C GLY B 237 -1.05 36.44 0.57
N SER B 238 -0.10 35.58 0.97
CA SER B 238 -0.40 34.78 2.16
C SER B 238 0.33 35.37 3.35
N PRO B 239 -0.30 35.40 4.52
CA PRO B 239 0.35 35.81 5.75
C PRO B 239 1.24 34.73 6.34
N SER B 240 1.22 33.53 5.77
CA SER B 240 2.00 32.38 6.19
C SER B 240 2.93 31.83 5.14
N PRO B 241 3.84 32.62 4.63
CA PRO B 241 4.75 32.22 3.55
C PRO B 241 5.89 31.30 3.93
N ASP B 242 6.12 31.06 5.20
CA ASP B 242 7.05 30.08 5.69
C ASP B 242 6.37 29.43 6.91
N GLU B 243 6.90 28.30 7.32
CA GLU B 243 6.26 27.61 8.45
C GLU B 243 6.40 28.30 9.77
N SER B 244 7.43 29.12 10.06
CA SER B 244 7.51 29.80 11.34
C SER B 244 6.35 30.78 11.43
N ARG B 245 6.05 31.45 10.33
CA ARG B 245 4.99 32.43 10.31
C ARG B 245 3.61 31.76 10.36
N TYR B 246 3.51 30.61 9.71
CA TYR B 246 2.24 29.87 9.73
C TYR B 246 1.89 29.53 11.18
N ALA B 247 2.85 28.99 11.91
CA ALA B 247 2.80 28.61 13.29
C ALA B 247 2.35 29.83 14.13
N THR B 248 2.99 30.98 13.90
CA THR B 248 2.54 32.15 14.68
C THR B 248 1.12 32.55 14.36
N ASN B 249 0.70 32.49 13.13
CA ASN B 249 -0.64 32.86 12.71
C ASN B 249 -1.65 31.87 13.32
N ILE B 250 -1.37 30.57 13.27
CA ILE B 250 -2.37 29.68 13.90
C ILE B 250 -2.44 29.89 15.41
N ALA B 251 -1.31 30.07 16.08
CA ALA B 251 -1.26 30.27 17.53
C ALA B 251 -2.09 31.51 17.88
N ASN B 252 -1.92 32.57 17.07
CA ASN B 252 -2.73 33.76 17.29
C ASN B 252 -4.23 33.45 17.25
N ALA B 253 -4.71 32.70 16.26
CA ALA B 253 -6.15 32.36 16.23
C ALA B 253 -6.52 31.46 17.39
N MET B 254 -5.67 30.47 17.73
CA MET B 254 -5.91 29.58 18.84
C MET B 254 -5.96 30.28 20.19
N ARG B 255 -5.07 31.26 20.38
CA ARG B 255 -5.02 31.97 21.68
C ARG B 255 -6.29 32.72 22.02
N GLN B 256 -6.93 33.28 21.00
CA GLN B 256 -8.15 34.05 21.13
C GLN B 256 -9.34 33.16 21.50
N ARG B 257 -9.23 31.86 21.21
CA ARG B 257 -10.25 30.90 21.55
C ARG B 257 -9.87 30.06 22.77
N GLY B 258 -8.75 30.30 23.44
CA GLY B 258 -8.30 29.61 24.59
C GLY B 258 -7.74 28.21 24.37
N LEU B 259 -7.25 27.99 23.15
CA LEU B 259 -6.74 26.67 22.76
C LEU B 259 -5.22 26.68 22.76
N PRO B 260 -4.60 25.53 22.62
CA PRO B 260 -3.17 25.36 22.54
C PRO B 260 -2.55 26.15 21.39
N THR B 261 -1.28 26.49 21.56
CA THR B 261 -0.60 27.35 20.59
C THR B 261 0.71 26.79 20.02
N GLN B 262 1.18 25.65 20.52
CA GLN B 262 2.52 25.17 20.17
C GLN B 262 2.62 24.24 18.98
N PHE B 263 3.71 24.41 18.19
CA PHE B 263 3.93 23.59 17.03
C PHE B 263 5.22 22.76 17.09
N ILE B 264 5.20 21.70 16.29
CA ILE B 264 6.40 21.00 15.84
C ILE B 264 6.33 21.08 14.31
N ILE B 265 7.43 21.41 13.66
CA ILE B 265 7.44 21.65 12.20
C ILE B 265 8.39 20.67 11.54
N ASP B 266 7.87 19.94 10.52
CA ASP B 266 8.73 18.97 9.86
C ASP B 266 9.67 19.72 8.90
N GLN B 267 10.94 19.32 8.89
CA GLN B 267 11.88 19.82 7.90
C GLN B 267 12.63 18.67 7.28
N SER B 268 12.04 17.47 7.25
CA SER B 268 12.66 16.30 6.65
C SER B 268 13.05 16.55 5.18
N ARG B 269 12.23 17.27 4.45
CA ARG B 269 12.49 17.63 3.07
C ARG B 269 12.18 19.10 2.84
N VAL B 270 13.05 19.87 2.17
CA VAL B 270 12.77 21.27 1.88
C VAL B 270 13.00 21.48 0.38
N ALA B 271 12.06 22.09 -0.33
CA ALA B 271 12.24 22.27 -1.77
C ALA B 271 13.22 23.38 -2.09
N LEU B 272 13.96 23.20 -3.20
CA LEU B 272 14.79 24.33 -3.67
C LEU B 272 13.93 25.38 -4.34
N SER B 273 14.41 26.64 -4.39
CA SER B 273 13.65 27.70 -5.06
C SER B 273 13.39 27.28 -6.50
N GLY B 274 12.13 27.44 -6.91
CA GLY B 274 11.65 27.07 -8.21
C GLY B 274 11.19 25.65 -8.38
N ALA B 275 11.27 24.74 -7.41
CA ALA B 275 10.91 23.34 -7.64
C ALA B 275 9.44 23.11 -7.95
N ARG B 276 8.60 23.91 -7.28
CA ARG B 276 7.16 23.83 -7.51
C ARG B 276 6.64 25.08 -8.22
N SER B 277 5.75 24.83 -9.19
CA SER B 277 5.14 26.00 -9.82
C SER B 277 3.87 26.36 -9.04
N GLU B 278 3.29 25.36 -8.36
CA GLU B 278 2.09 25.60 -7.55
C GLU B 278 2.36 25.12 -6.12
N TRP B 279 1.80 25.84 -5.15
CA TRP B 279 2.04 25.53 -3.75
C TRP B 279 1.49 24.15 -3.35
N GLY B 280 0.39 23.75 -3.98
CA GLY B 280 -0.22 22.48 -3.64
C GLY B 280 0.52 21.23 -4.10
N GLN B 281 1.55 21.35 -4.92
CA GLN B 281 2.27 20.16 -5.40
C GLN B 281 2.87 19.44 -4.18
N TRP B 282 2.69 18.13 -4.14
CA TRP B 282 3.14 17.37 -2.96
C TRP B 282 3.87 16.09 -3.23
N CYS B 283 3.69 15.42 -4.38
CA CYS B 283 4.27 14.10 -4.57
C CYS B 283 5.70 14.11 -5.12
N ASN B 284 6.61 13.64 -4.25
CA ASN B 284 8.02 13.50 -4.59
C ASN B 284 8.56 14.70 -5.35
N VAL B 285 8.44 15.83 -4.67
CA VAL B 285 8.87 17.11 -5.23
C VAL B 285 10.38 17.13 -5.40
N ASN B 286 10.77 17.63 -6.59
CA ASN B 286 12.21 17.68 -6.88
C ASN B 286 12.50 18.87 -7.77
N PRO B 287 13.62 19.53 -7.55
CA PRO B 287 14.63 19.19 -6.58
C PRO B 287 14.32 19.56 -5.13
N ALA B 288 14.81 18.76 -4.20
CA ALA B 288 14.63 19.05 -2.76
C ALA B 288 15.89 18.55 -2.03
N GLY B 289 15.98 18.93 -0.76
CA GLY B 289 17.10 18.49 0.07
C GLY B 289 16.64 18.17 1.50
N PHE B 290 17.42 17.34 2.20
CA PHE B 290 17.16 17.17 3.62
C PHE B 290 17.20 18.53 4.28
N GLY B 291 16.26 18.84 5.19
CA GLY B 291 16.25 20.08 5.94
C GLY B 291 16.96 19.96 7.30
N GLN B 292 16.88 21.05 8.04
CA GLN B 292 17.55 21.10 9.32
C GLN B 292 17.11 19.94 10.19
N PRO B 293 18.04 19.21 10.74
CA PRO B 293 17.80 18.16 11.70
C PRO B 293 17.20 18.73 12.99
N PHE B 294 16.54 17.84 13.75
CA PHE B 294 15.90 18.15 14.98
C PHE B 294 16.64 19.19 15.84
N THR B 295 15.89 20.16 16.28
CA THR B 295 16.43 21.14 17.23
C THR B 295 15.31 21.86 17.96
N THR B 296 15.56 22.25 19.20
CA THR B 296 14.70 23.08 20.02
C THR B 296 15.11 24.55 19.82
N ASN B 297 16.19 24.81 19.08
CA ASN B 297 16.58 26.21 18.81
C ASN B 297 15.84 26.72 17.58
N THR B 298 14.60 27.15 17.75
CA THR B 298 13.69 27.54 16.69
C THR B 298 13.46 29.00 16.41
N ASN B 299 13.84 29.87 17.40
CA ASN B 299 13.66 31.31 17.22
C ASN B 299 12.20 31.69 17.01
N ASN B 300 11.32 30.96 17.71
CA ASN B 300 9.86 31.16 17.66
C ASN B 300 9.34 30.45 18.91
N PRO B 301 8.76 31.23 19.81
CA PRO B 301 8.27 30.75 21.08
C PRO B 301 7.10 29.78 20.92
N ASN B 302 6.40 29.89 19.79
CA ASN B 302 5.29 28.93 19.59
C ASN B 302 5.70 27.73 18.76
N VAL B 303 6.98 27.57 18.51
CA VAL B 303 7.51 26.38 17.82
C VAL B 303 8.39 25.64 18.80
N ASP B 304 7.85 24.53 19.34
CA ASP B 304 8.53 23.73 20.32
C ASP B 304 9.81 23.10 19.75
N ALA B 305 9.70 22.63 18.51
CA ALA B 305 10.85 22.05 17.87
C ALA B 305 10.70 21.90 16.35
N ILE B 306 11.85 21.89 15.71
CA ILE B 306 11.92 21.51 14.28
C ILE B 306 12.26 20.02 14.37
N VAL B 307 11.52 19.17 13.63
CA VAL B 307 11.67 17.75 13.68
C VAL B 307 11.74 17.16 12.27
N TRP B 308 11.98 15.86 12.16
CA TRP B 308 11.84 15.19 10.86
C TRP B 308 10.66 14.24 11.08
N VAL B 309 9.62 14.40 10.27
CA VAL B 309 8.48 13.47 10.43
C VAL B 309 8.41 12.51 9.25
N LYS B 310 8.24 13.00 8.05
CA LYS B 310 8.27 12.10 6.89
C LYS B 310 9.67 11.57 6.75
N PRO B 311 9.89 10.30 6.45
CA PRO B 311 11.22 9.72 6.31
C PRO B 311 11.67 9.95 4.87
N GLY B 312 12.37 11.04 4.62
CA GLY B 312 12.73 11.39 3.23
C GLY B 312 13.47 10.25 2.53
N GLY B 313 12.98 9.86 1.36
CA GLY B 313 13.49 8.66 0.71
C GLY B 313 12.33 7.67 0.57
N GLU B 314 11.34 7.68 1.49
CA GLU B 314 10.11 6.87 1.28
C GLU B 314 9.20 7.64 0.30
N SER B 315 8.85 6.97 -0.80
CA SER B 315 8.01 7.60 -1.82
C SER B 315 6.67 8.06 -1.27
N ASP B 316 6.19 9.12 -1.94
CA ASP B 316 4.83 9.61 -1.66
C ASP B 316 3.81 8.94 -2.58
N GLY B 317 4.30 8.13 -3.51
CA GLY B 317 3.40 7.56 -4.52
C GLY B 317 4.08 7.59 -5.88
N GLN B 318 3.48 6.90 -6.86
CA GLN B 318 4.13 6.85 -8.19
C GLN B 318 3.74 8.14 -8.90
N CYS B 319 4.44 9.22 -8.59
CA CYS B 319 4.12 10.55 -9.09
C CYS B 319 5.35 11.41 -8.75
N GLY B 320 5.34 12.65 -9.22
CA GLY B 320 6.51 13.49 -9.02
C GLY B 320 7.72 12.86 -9.72
N MET B 321 8.86 12.84 -9.05
CA MET B 321 10.10 12.35 -9.62
C MET B 321 9.97 10.99 -10.29
N GLY B 322 10.45 10.92 -11.53
CA GLY B 322 10.41 9.71 -12.31
C GLY B 322 11.12 8.55 -11.65
N GLY B 323 10.50 7.37 -11.83
CA GLY B 323 10.93 6.12 -11.26
C GLY B 323 10.30 5.90 -9.90
N ALA B 324 9.39 6.78 -9.49
CA ALA B 324 8.84 6.69 -8.14
C ALA B 324 7.96 5.46 -7.98
N PRO B 325 8.19 4.76 -6.89
CA PRO B 325 7.45 3.57 -6.53
C PRO B 325 6.23 3.99 -5.70
N ALA B 326 5.42 3.01 -5.36
CA ALA B 326 4.18 3.25 -4.64
C ALA B 326 4.44 3.87 -3.29
N ALA B 327 3.45 4.51 -2.70
CA ALA B 327 3.59 5.18 -1.42
C ALA B 327 4.22 4.31 -0.34
N GLY B 328 5.20 4.90 0.34
CA GLY B 328 5.95 4.25 1.39
C GLY B 328 7.06 3.34 0.86
N MET B 329 7.17 3.07 -0.41
CA MET B 329 8.26 2.19 -0.87
C MET B 329 9.51 3.04 -0.92
N TRP B 330 10.65 2.40 -0.73
CA TRP B 330 11.93 3.09 -0.79
C TRP B 330 12.26 3.53 -2.20
N PHE B 331 12.69 4.76 -2.32
CA PHE B 331 13.02 5.44 -3.55
C PHE B 331 14.45 5.93 -3.43
N ASP B 332 15.38 4.98 -3.64
CA ASP B 332 16.79 5.33 -3.37
C ASP B 332 17.29 6.53 -4.12
N ALA B 333 17.01 6.72 -5.41
CA ALA B 333 17.49 7.91 -6.11
C ALA B 333 16.97 9.20 -5.50
N TYR B 334 15.76 9.18 -4.93
CA TYR B 334 15.27 10.39 -4.25
C TYR B 334 16.02 10.67 -2.94
N ALA B 335 16.38 9.61 -2.22
CA ALA B 335 17.16 9.67 -0.99
C ALA B 335 18.57 10.20 -1.37
N GLN B 336 19.04 9.81 -2.56
CA GLN B 336 20.35 10.36 -2.98
C GLN B 336 20.29 11.86 -3.24
N MET B 337 19.23 12.31 -3.93
CA MET B 337 19.03 13.73 -4.21
C MET B 337 18.93 14.55 -2.93
N LEU B 338 18.19 14.03 -1.93
CA LEU B 338 18.03 14.74 -0.67
C LEU B 338 19.37 14.87 0.05
N THR B 339 20.25 13.90 -0.10
CA THR B 339 21.55 13.89 0.52
C THR B 339 22.46 14.92 -0.18
N GLN B 340 22.45 14.89 -1.52
CA GLN B 340 23.24 15.86 -2.30
C GLN B 340 22.86 17.28 -1.93
N ASN B 341 21.57 17.58 -1.76
CA ASN B 341 21.14 18.93 -1.42
C ASN B 341 20.91 19.16 0.07
N ALA B 342 21.48 18.36 0.93
CA ALA B 342 21.26 18.36 2.35
C ALA B 342 21.71 19.62 3.07
N HIS B 343 20.95 19.98 4.08
CA HIS B 343 21.29 21.08 4.99
C HIS B 343 22.75 20.94 5.45
N ASP B 344 23.42 22.06 5.60
CA ASP B 344 24.81 22.10 6.06
C ASP B 344 25.10 21.41 7.37
N GLU B 345 24.16 21.12 8.28
CA GLU B 345 24.42 20.44 9.52
C GLU B 345 24.84 18.98 9.28
N ILE B 346 24.32 18.42 8.18
CA ILE B 346 24.60 17.03 7.82
C ILE B 346 25.96 16.86 7.18
N ALA B 347 26.83 16.03 7.75
CA ALA B 347 28.18 15.80 7.18
C ALA B 347 28.83 14.47 7.57
#